data_9SAP
#
_entry.id   9SAP
#
_cell.length_a   1.00
_cell.length_b   1.00
_cell.length_c   1.00
_cell.angle_alpha   90.00
_cell.angle_beta   90.00
_cell.angle_gamma   90.00
#
_symmetry.space_group_name_H-M   'P 1'
#
loop_
_entity.id
_entity.type
_entity.pdbx_description
1 polymer 'RNA primer strand (25-MER)'
2 polymer 'RNA template strand (40-MER)'
3 polymer 'RNA-directed RNA polymerase nsp12'
4 polymer 'Non-structural protein 8'
5 polymer 'Non-structural protein 7'
6 non-polymer 'ZINC ION'
#
loop_
_entity_poly.entity_id
_entity_poly.type
_entity_poly.pdbx_seq_one_letter_code
_entity_poly.pdbx_strand_id
1 'polyribonucleotide' GUCAUUCUCCUAAGAAGCUAUU(F86)(F86)(F86) P
2 'polyribonucleotide' CUAUCCCCAUGUGAUUUUAAUAGCUUCUUAGGAGAAUGAC T
3 'polypeptide(L)'
;QSFLNRVCGVSAARLTPCGTGTSTDVVYRAFDIYNDKVAGFAKFLKTNCCRFQEKDEDDNLIDSYFVVKRHTFSNYQHEE
TIYNLLKDCPAVAKHDFFKFRIDGDMVPHISRQRLTKYTMADLVYALRHFDEGNCDTLKEILVTYNCCDDDYFNKKDWYD
FVENPDILRVYANLGERVRQALLKTVQFCDAMRNAGIVGVLTLDNQDLNGNWYDFGDFIQTTPGSGVPVVDSYYSLLMPI
LTLTRALTAESHVDTDLTKPYIKWDLLKYDFTEERLKLFDRYFKYWDQTYHPNCVNCLDDRCILHCANFNVLFSTVFPPT
SFGPLVRKIFVDGVPFVVSTGYHFRELGVVHNQDVNLHSSRLSFKELLVYAADPAMHAASGNLLLDKRTTCFSVAALTNN
VAFQTVKPGNFNKDFYDFAVSKGFFKEGSSVELKHFFFAQDGNAAISDYDYYRYNLPTMCDIRQLLFVVEVVDKYFDCYD
GGCINANQVIVNNLDKSAGFPFNKWGKARLYYDSMSYEDQDALFAYTKRNVIPTITQMNLKYAISAKNRARTVAGVSICS
TMTNRQFHQKLLKSIAATRGATVVIGTSKFYGGWHNMLKTVYSDVENPHLMGWDYPKCDRAMPNMLRIMASLVLARKHTT
CCSLSHRFYRLANECAQVLSEMVMCGGSLYVKPGGTSSGDATTAYANSVFNICQAVTANVNALLSTDGNKIADKYVRNLQ
HRLYECLYRNRDVDTDFVNEFYAYLRKHFSMMILSDDAVVCFNSTYASQGLVASIKNFKSVLYYQNNVFMSEAKCWTETD
LTKGPHEFCSQHTMLVKQGDDYVYLPYPDPSRILGAGCFVDDIVKTDGTLMIERFVSLAIDAYPLTKHPNQEYADVFHLY
LQYIRKLHDELTGHMLDMYSVMLTNDNTSRYWEPEFYEAMYTPHTVLQ
;
A
4 'polypeptide(L)'
;AIASEFSSLPSYAAFATAQEAYEQAVANGDSEVVLKKLKKSLNVAKSEFDRDAAMQRKLEKMADQAMTQMYKQARSEDKR
AKVTSAMQTMLFTMLRKLDNDALNNIINNARDGCVPLNIIPLTTAAKLMVVIPDYNTYKNTCDGTTFTYASALWEIQQVV
DADSKIVQLSEISMDNSPNLAWPLIVTALRANSAVKLQ
;
B
5 'polypeptide(L)'
;SKMSDVKCTSVVLLSVLQQLRVESSSKLWAQCVQLHNDILLAKDTTEAFEKMVSLLSVLLSMQGAVDINKLCEEMLDNRA
TLQ
;
C
#
loop_
_chem_comp.id
_chem_comp.type
_chem_comp.name
_chem_comp.formula
A RNA linking ADENOSINE-5'-MONOPHOSPHATE 'C10 H14 N5 O7 P'
C RNA linking CYTIDINE-5'-MONOPHOSPHATE 'C9 H14 N3 O8 P'
F86 non-polymer '[(2~{R},3~{S},4~{R},5~{R})-5-(4-azanylpyrrolo[2,1-f][1,2,4]triazin-7-yl)-5-cyano-3,4-bis(oxidanyl)oxolan-2-yl]methyl dihydrogen phosphate' 'C12 H14 N5 O7 P'
G RNA linking GUANOSINE-5'-MONOPHOSPHATE 'C10 H14 N5 O8 P'
U RNA linking URIDINE-5'-MONOPHOSPHATE 'C9 H13 N2 O9 P'
ZN non-polymer 'ZINC ION' 'Zn 2'
#
# COMPACT_ATOMS: atom_id res chain seq x y z
C8 F86 A 23 15.56 10.21 9.41
C5 F86 A 23 14.70 8.31 10.63
C6 F86 A 23 12.50 11.38 12.76
N1 F86 A 23 15.07 7.23 9.84
C2 F86 A 23 13.11 9.83 9.41
N3 F86 A 23 16.47 10.62 8.83
C4 F86 A 23 12.94 11.10 11.35
O2 F86 A 23 13.21 10.93 8.53
N2 F86 A 23 15.26 7.26 8.47
O4 F86 A 23 12.47 10.14 13.51
N4 F86 A 23 15.81 4.93 8.70
C7 F86 A 23 14.62 7.86 11.93
O6 F86 A 23 12.30 8.79 15.59
C1 F86 A 23 14.41 9.71 10.20
C10 F86 A 23 14.95 6.52 11.96
C11 F86 A 23 15.62 4.93 10.06
C12 F86 A 23 15.63 6.05 7.98
C3 F86 A 23 12.12 10.11 10.54
C9 F86 A 23 15.23 6.14 10.65
N5 F86 A 23 15.80 3.80 10.73
O1 F86 A 23 14.26 10.53 11.35
O3 F86 A 23 10.86 10.63 10.12
O5 F86 A 23 11.30 11.11 15.49
P1 F86 A 23 12.46 10.22 15.12
C8 F86 A 24 11.87 7.09 5.47
C5 F86 A 24 11.30 6.48 7.77
C6 F86 A 24 9.43 10.18 8.09
N1 F86 A 24 11.89 5.22 7.78
C2 F86 A 24 9.48 7.00 6.13
N3 F86 A 24 12.62 6.97 4.61
C4 F86 A 24 9.57 9.18 6.97
O2 F86 A 24 9.33 7.42 4.77
N2 F86 A 24 12.27 4.47 6.68
O4 F86 A 24 9.20 9.47 9.33
N4 F86 A 24 13.02 2.83 8.27
C7 F86 A 24 11.10 6.86 9.08
O6 F86 A 24 9.40 9.16 11.79
C1 F86 A 24 10.92 7.31 6.57
C10 F86 A 24 11.56 5.86 9.90
C11 F86 A 24 12.65 3.59 9.35
C12 F86 A 24 12.82 3.28 7.03
C3 F86 A 24 8.70 7.93 7.04
C9 F86 A 24 12.06 4.84 9.09
N5 F86 A 24 12.85 3.11 10.57
O1 F86 A 24 10.93 8.68 6.94
O3 F86 A 24 7.35 8.15 6.65
O5 F86 A 24 8.27 11.20 10.84
P1 F86 A 24 9.43 10.23 10.73
C8 F86 A 25 9.45 2.59 4.77
C5 F86 A 25 8.59 2.82 7.02
C6 F86 A 25 6.14 5.89 5.27
N1 F86 A 25 9.33 1.79 7.61
C2 F86 A 25 7.01 2.25 5.13
N3 F86 A 25 10.39 2.26 4.18
C4 F86 A 25 6.67 4.54 4.84
O2 F86 A 25 7.10 1.89 3.77
N2 F86 A 25 9.91 0.73 6.96
O4 F86 A 25 6.33 6.05 6.71
N4 F86 A 25 10.65 0.04 9.16
C7 F86 A 25 8.18 3.67 8.03
O6 F86 A 25 6.41 7.31 8.85
C1 F86 A 25 8.28 3.00 5.56
C10 F86 A 25 8.64 3.20 9.23
C11 F86 A 25 10.05 1.10 9.77
C12 F86 A 25 10.56 -0.09 7.82
C3 F86 A 25 5.93 3.31 5.34
C9 F86 A 25 9.35 2.02 8.97
N5 F86 A 25 10.15 1.21 11.10
O1 F86 A 25 8.02 4.38 5.32
O3 F86 A 25 4.73 3.08 4.62
O5 F86 A 25 4.63 7.82 7.14
P1 F86 A 25 6.08 7.49 7.39
N VAL C 27 -28.00 26.48 -16.26
CA VAL C 27 -27.47 25.44 -15.40
C VAL C 27 -25.95 25.49 -15.42
N TYR C 28 -25.35 25.09 -14.28
CA TYR C 28 -23.87 24.99 -14.15
C TYR C 28 -23.51 23.52 -14.08
N ARG C 29 -23.18 22.92 -15.20
CA ARG C 29 -22.98 21.46 -15.20
C ARG C 29 -21.61 21.08 -15.77
N ALA C 30 -21.23 19.81 -15.63
CA ALA C 30 -19.96 19.28 -16.12
C ALA C 30 -20.02 19.02 -17.62
N PHE C 31 -18.99 19.47 -18.33
CA PHE C 31 -18.85 19.27 -19.77
C PHE C 31 -17.44 18.81 -20.11
N ASP C 32 -17.35 17.99 -21.15
CA ASP C 32 -16.09 17.55 -21.72
C ASP C 32 -15.97 18.15 -23.12
N ILE C 33 -15.01 19.06 -23.31
CA ILE C 33 -14.98 19.93 -24.49
C ILE C 33 -13.60 19.88 -25.13
N TYR C 34 -13.59 19.98 -26.47
CA TYR C 34 -12.37 20.24 -27.22
C TYR C 34 -12.73 21.05 -28.46
N ASN C 35 -12.61 22.36 -28.37
CA ASN C 35 -12.81 23.26 -29.50
C ASN C 35 -11.47 23.68 -30.06
N ASP C 36 -11.50 24.63 -31.00
CA ASP C 36 -10.26 25.23 -31.47
C ASP C 36 -9.64 26.15 -30.43
N LYS C 37 -10.46 26.71 -29.55
CA LYS C 37 -9.97 27.66 -28.54
C LYS C 37 -9.75 27.01 -27.18
N VAL C 38 -10.77 26.38 -26.63
CA VAL C 38 -10.71 25.83 -25.28
C VAL C 38 -10.73 24.31 -25.33
N ALA C 39 -10.35 23.71 -24.22
CA ALA C 39 -10.28 22.26 -24.09
C ALA C 39 -10.32 21.90 -22.62
N GLY C 40 -10.88 20.72 -22.33
CA GLY C 40 -10.86 20.24 -20.96
C GLY C 40 -12.12 19.58 -20.45
N PHE C 41 -12.02 18.98 -19.29
CA PHE C 41 -13.13 18.37 -18.57
C PHE C 41 -13.41 19.25 -17.36
N ALA C 42 -14.45 20.06 -17.44
CA ALA C 42 -14.63 21.14 -16.48
C ALA C 42 -16.12 21.36 -16.26
N LYS C 43 -16.44 22.52 -15.69
CA LYS C 43 -17.85 22.86 -15.38
C LYS C 43 -18.18 24.17 -16.09
N PHE C 44 -19.20 24.17 -16.93
CA PHE C 44 -19.58 25.31 -17.73
C PHE C 44 -21.04 25.65 -17.52
N LEU C 45 -21.37 26.90 -17.81
CA LEU C 45 -22.74 27.41 -17.73
C LEU C 45 -23.45 27.18 -19.06
N LYS C 46 -24.74 26.88 -18.99
CA LYS C 46 -25.55 26.55 -20.18
C LYS C 46 -26.77 27.47 -20.20
N THR C 47 -26.63 28.65 -20.79
CA THR C 47 -27.73 29.60 -20.89
C THR C 47 -28.41 29.50 -22.24
N HIS C 78 -29.91 19.40 -40.95
CA HIS C 78 -28.79 18.47 -40.80
C HIS C 78 -28.99 17.53 -39.61
N GLU C 79 -29.28 18.08 -38.42
CA GLU C 79 -29.48 17.23 -37.26
C GLU C 79 -30.69 16.31 -37.47
N GLU C 80 -31.69 16.76 -38.22
CA GLU C 80 -32.84 15.91 -38.49
C GLU C 80 -32.44 14.70 -39.32
N THR C 81 -31.67 14.89 -40.40
CA THR C 81 -31.26 13.72 -41.18
C THR C 81 -30.33 12.83 -40.36
N ILE C 82 -29.48 13.42 -39.52
CA ILE C 82 -28.61 12.61 -38.68
C ILE C 82 -29.43 11.75 -37.73
N TYR C 83 -30.44 12.32 -37.09
CA TYR C 83 -31.29 11.54 -36.19
C TYR C 83 -32.07 10.49 -36.97
N ASN C 84 -32.56 10.83 -38.15
CA ASN C 84 -33.25 9.85 -38.99
C ASN C 84 -32.35 8.66 -39.29
N LEU C 85 -31.06 8.90 -39.47
CA LEU C 85 -30.12 7.81 -39.66
C LEU C 85 -29.77 7.09 -38.36
N LEU C 86 -29.96 7.74 -37.21
CA LEU C 86 -29.60 7.15 -35.93
C LEU C 86 -30.78 7.18 -34.95
N PRO C 90 -32.26 1.42 -29.96
CA PRO C 90 -32.88 1.59 -28.64
C PRO C 90 -32.01 2.36 -27.66
N ALA C 91 -30.74 2.62 -27.99
CA ALA C 91 -29.86 3.42 -27.16
C ALA C 91 -29.95 4.91 -27.47
N VAL C 92 -30.83 5.32 -28.38
CA VAL C 92 -31.00 6.72 -28.76
C VAL C 92 -32.32 7.22 -28.18
N ALA C 93 -32.29 8.42 -27.60
CA ALA C 93 -33.48 8.99 -27.00
C ALA C 93 -34.49 9.38 -28.06
N LYS C 94 -35.74 9.55 -27.63
CA LYS C 94 -36.80 9.98 -28.54
C LYS C 94 -36.59 11.43 -28.94
N GLN C 113 -37.96 12.18 -25.67
CA GLN C 113 -38.58 11.74 -24.39
C GLN C 113 -37.98 12.54 -23.24
N ARG C 114 -38.09 12.03 -22.01
CA ARG C 114 -37.57 12.78 -20.82
C ARG C 114 -36.07 12.56 -20.67
N LEU C 115 -35.37 13.47 -19.96
CA LEU C 115 -33.90 13.39 -19.86
C LEU C 115 -33.41 13.63 -18.41
N THR C 116 -32.90 12.58 -17.73
CA THR C 116 -32.45 12.69 -16.32
C THR C 116 -31.71 14.00 -16.05
N LYS C 117 -32.16 14.77 -15.05
CA LYS C 117 -31.56 16.11 -14.81
C LYS C 117 -30.05 16.01 -14.97
N TYR C 118 -29.44 15.01 -14.33
CA TYR C 118 -27.96 14.85 -14.34
C TYR C 118 -27.54 13.90 -15.41
N THR C 119 -26.45 14.20 -16.12
CA THR C 119 -25.93 13.25 -17.16
C THR C 119 -24.90 12.31 -16.58
N MET C 120 -24.18 11.58 -17.41
CA MET C 120 -23.08 10.70 -16.94
C MET C 120 -21.83 11.56 -16.69
N ALA C 121 -21.73 12.72 -17.35
CA ALA C 121 -20.67 13.68 -17.08
C ALA C 121 -20.78 14.26 -15.68
N ASP C 122 -22.01 14.53 -15.23
CA ASP C 122 -22.21 15.05 -13.88
C ASP C 122 -21.69 14.08 -12.84
N LEU C 123 -22.05 12.79 -12.97
CA LEU C 123 -21.58 11.80 -12.01
C LEU C 123 -20.08 11.62 -12.06
N VAL C 124 -19.51 11.60 -13.26
CA VAL C 124 -18.06 11.43 -13.41
C VAL C 124 -17.32 12.59 -12.76
N TYR C 125 -17.78 13.81 -13.00
CA TYR C 125 -17.14 14.97 -12.39
C TYR C 125 -17.29 14.95 -10.87
N ALA C 126 -18.46 14.55 -10.37
CA ALA C 126 -18.67 14.54 -8.93
C ALA C 126 -17.75 13.54 -8.24
N LEU C 127 -17.63 12.34 -8.80
CA LEU C 127 -16.79 11.33 -8.16
C LEU C 127 -15.30 11.55 -8.40
N ARG C 128 -14.92 12.30 -9.45
CA ARG C 128 -13.51 12.57 -9.73
C ARG C 128 -12.99 13.84 -9.08
N HIS C 129 -13.87 14.80 -8.79
CA HIS C 129 -13.47 16.05 -8.17
C HIS C 129 -14.16 16.24 -6.83
N PHE C 130 -14.16 15.20 -6.00
CA PHE C 130 -14.93 15.23 -4.76
C PHE C 130 -14.36 16.24 -3.77
N ASP C 131 -15.24 17.08 -3.24
CA ASP C 131 -14.87 18.04 -2.21
C ASP C 131 -15.94 17.99 -1.12
N GLU C 132 -15.53 17.72 0.11
CA GLU C 132 -16.47 17.72 1.21
C GLU C 132 -17.00 19.13 1.46
N GLY C 133 -18.25 19.22 1.85
CA GLY C 133 -18.88 20.51 2.02
C GLY C 133 -19.35 21.16 0.73
N ASN C 134 -19.18 20.49 -0.40
CA ASN C 134 -19.70 20.99 -1.67
C ASN C 134 -20.31 19.88 -2.53
N CYS C 135 -20.55 18.70 -1.96
CA CYS C 135 -21.03 17.55 -2.73
C CYS C 135 -22.55 17.49 -2.75
N ASP C 136 -23.17 18.59 -3.19
CA ASP C 136 -24.62 18.62 -3.30
C ASP C 136 -25.12 17.80 -4.48
N THR C 137 -24.42 17.89 -5.62
CA THR C 137 -24.80 17.10 -6.78
C THR C 137 -24.67 15.61 -6.51
N LEU C 138 -23.58 15.21 -5.84
CA LEU C 138 -23.41 13.80 -5.50
C LEU C 138 -24.52 13.33 -4.56
N LYS C 139 -24.88 14.16 -3.58
CA LYS C 139 -25.95 13.78 -2.66
C LYS C 139 -27.27 13.64 -3.38
N GLU C 140 -27.55 14.55 -4.32
CA GLU C 140 -28.80 14.47 -5.08
C GLU C 140 -28.82 13.22 -5.95
N ILE C 141 -27.70 12.88 -6.57
CA ILE C 141 -27.64 11.68 -7.40
C ILE C 141 -27.80 10.42 -6.56
N LEU C 142 -27.26 10.44 -5.33
CA LEU C 142 -27.38 9.26 -4.47
C LEU C 142 -28.79 9.08 -3.94
N VAL C 143 -29.43 10.16 -3.47
CA VAL C 143 -30.77 10.04 -2.92
C VAL C 143 -31.84 9.91 -4.00
N THR C 144 -31.51 10.25 -5.25
CA THR C 144 -32.48 10.07 -6.34
C THR C 144 -32.68 8.59 -6.64
N TYR C 145 -31.60 7.84 -6.75
CA TYR C 145 -31.64 6.47 -7.24
C TYR C 145 -31.66 5.44 -6.12
N ASN C 146 -32.08 5.84 -4.91
CA ASN C 146 -32.24 4.92 -3.78
C ASN C 146 -30.96 4.17 -3.47
N CYS C 147 -29.82 4.88 -3.57
CA CYS C 147 -28.57 4.30 -3.11
C CYS C 147 -28.45 4.34 -1.60
N CYS C 148 -29.02 5.38 -0.98
CA CYS C 148 -29.11 5.51 0.47
C CYS C 148 -30.27 6.45 0.77
N ASP C 149 -30.39 6.83 2.03
CA ASP C 149 -31.44 7.81 2.40
C ASP C 149 -30.77 9.11 2.83
N ASP C 150 -31.54 10.19 2.92
CA ASP C 150 -31.01 11.50 3.27
C ASP C 150 -30.37 11.49 4.66
N ASP C 151 -30.97 10.76 5.61
CA ASP C 151 -30.40 10.70 6.95
C ASP C 151 -29.03 10.04 6.96
N TYR C 152 -28.67 9.32 5.90
CA TYR C 152 -27.33 8.75 5.82
C TYR C 152 -26.27 9.84 5.78
N PHE C 153 -26.63 11.04 5.32
CA PHE C 153 -25.67 12.14 5.25
C PHE C 153 -25.66 12.98 6.53
N ASN C 154 -26.55 12.69 7.47
CA ASN C 154 -26.57 13.43 8.72
C ASN C 154 -25.44 13.02 9.64
N LYS C 155 -25.01 11.77 9.58
CA LYS C 155 -23.86 11.33 10.35
C LYS C 155 -22.58 11.93 9.79
N LYS C 156 -21.62 12.17 10.66
CA LYS C 156 -20.34 12.70 10.21
C LYS C 156 -19.54 11.64 9.49
N ASP C 157 -18.52 12.09 8.77
CA ASP C 157 -17.58 11.26 8.02
C ASP C 157 -18.26 10.12 7.26
N TRP C 158 -19.43 10.39 6.68
CA TRP C 158 -20.13 9.37 5.90
C TRP C 158 -19.38 9.05 4.62
N TYR C 159 -18.59 9.98 4.11
CA TYR C 159 -17.87 9.83 2.85
C TYR C 159 -16.48 9.23 3.03
N ASP C 160 -16.07 8.95 4.26
CA ASP C 160 -14.72 8.46 4.51
C ASP C 160 -14.62 6.98 4.19
N PHE C 161 -13.56 6.59 3.50
CA PHE C 161 -13.37 5.20 3.14
C PHE C 161 -12.92 4.36 4.33
N VAL C 162 -12.12 4.94 5.21
CA VAL C 162 -11.57 4.20 6.34
C VAL C 162 -12.52 4.22 7.54
N GLU C 163 -13.03 5.39 7.89
CA GLU C 163 -13.89 5.48 9.07
C GLU C 163 -15.29 4.94 8.82
N ASN C 164 -15.78 5.00 7.59
CA ASN C 164 -17.09 4.49 7.22
C ASN C 164 -16.99 3.61 5.98
N PRO C 165 -16.60 2.35 6.14
CA PRO C 165 -16.51 1.45 4.97
C PRO C 165 -17.84 1.23 4.27
N ASP C 166 -18.96 1.44 4.96
CA ASP C 166 -20.27 1.15 4.38
C ASP C 166 -20.52 1.96 3.12
N ILE C 167 -19.86 3.11 2.98
CA ILE C 167 -20.07 3.94 1.79
C ILE C 167 -19.74 3.15 0.53
N LEU C 168 -18.77 2.24 0.60
CA LEU C 168 -18.46 1.41 -0.56
C LEU C 168 -19.71 0.70 -1.04
N ARG C 169 -20.42 0.03 -0.12
CA ARG C 169 -21.66 -0.64 -0.49
C ARG C 169 -22.64 0.34 -1.10
N VAL C 170 -22.77 1.53 -0.52
CA VAL C 170 -23.67 2.53 -1.05
C VAL C 170 -23.29 2.86 -2.48
N TYR C 171 -21.99 3.05 -2.73
CA TYR C 171 -21.54 3.36 -4.08
C TYR C 171 -21.90 2.25 -5.04
N ALA C 172 -21.82 0.99 -4.59
CA ALA C 172 -22.12 -0.13 -5.46
C ALA C 172 -23.56 -0.11 -5.93
N ASN C 173 -24.44 0.60 -5.23
CA ASN C 173 -25.82 0.68 -5.69
C ASN C 173 -25.95 1.42 -7.01
N LEU C 174 -24.92 2.12 -7.46
CA LEU C 174 -24.92 2.70 -8.79
C LEU C 174 -24.42 1.73 -9.85
N GLY C 175 -23.60 0.75 -9.45
CA GLY C 175 -22.89 -0.13 -10.36
C GLY C 175 -23.68 -0.60 -11.56
N GLU C 176 -24.78 -1.31 -11.33
CA GLU C 176 -25.52 -1.90 -12.43
C GLU C 176 -25.98 -0.85 -13.42
N ARG C 177 -26.49 0.28 -12.92
CA ARG C 177 -26.89 1.36 -13.82
C ARG C 177 -25.73 1.76 -14.72
N VAL C 178 -24.55 1.95 -14.12
CA VAL C 178 -23.35 2.26 -14.88
C VAL C 178 -23.13 1.22 -15.96
N ARG C 179 -23.20 -0.05 -15.57
CA ARG C 179 -22.97 -1.13 -16.53
C ARG C 179 -23.94 -1.02 -17.69
N GLN C 180 -25.22 -0.77 -17.39
CA GLN C 180 -26.21 -0.66 -18.46
C GLN C 180 -25.79 0.40 -19.46
N ALA C 181 -25.34 1.56 -18.96
CA ALA C 181 -24.91 2.63 -19.83
C ALA C 181 -23.85 2.13 -20.80
N LEU C 182 -22.85 1.40 -20.27
CA LEU C 182 -21.78 0.90 -21.12
C LEU C 182 -22.35 0.15 -22.31
N LEU C 183 -23.26 -0.80 -22.03
CA LEU C 183 -23.81 -1.62 -23.10
C LEU C 183 -24.51 -0.76 -24.14
N LYS C 184 -25.29 0.22 -23.69
CA LYS C 184 -26.00 1.05 -24.64
C LYS C 184 -25.04 1.79 -25.54
N THR C 185 -23.93 2.28 -24.98
CA THR C 185 -22.92 2.95 -25.80
C THR C 185 -22.52 2.08 -26.97
N VAL C 186 -22.24 0.81 -26.71
CA VAL C 186 -21.81 -0.09 -27.79
C VAL C 186 -22.87 -0.14 -28.87
N GLN C 187 -24.13 -0.34 -28.47
CA GLN C 187 -25.22 -0.34 -29.44
C GLN C 187 -25.15 0.92 -30.30
N PHE C 188 -25.04 2.07 -29.64
CA PHE C 188 -24.99 3.34 -30.36
C PHE C 188 -23.87 3.31 -31.39
N CYS C 189 -22.68 2.90 -30.97
CA CYS C 189 -21.54 2.88 -31.88
C CYS C 189 -21.80 1.95 -33.06
N ASP C 190 -22.39 0.78 -32.79
CA ASP C 190 -22.72 -0.14 -33.86
C ASP C 190 -23.62 0.55 -34.88
N ALA C 191 -24.62 1.28 -34.41
CA ALA C 191 -25.49 2.02 -35.30
C ALA C 191 -24.67 2.92 -36.22
N MET C 192 -23.73 3.66 -35.65
CA MET C 192 -22.91 4.55 -36.48
C MET C 192 -22.13 3.76 -37.51
N ARG C 193 -21.55 2.62 -37.11
CA ARG C 193 -20.76 1.83 -38.05
C ARG C 193 -21.61 1.28 -39.18
N ASN C 194 -22.93 1.25 -39.01
CA ASN C 194 -23.81 0.77 -40.06
C ASN C 194 -24.47 1.90 -40.84
N ALA C 195 -24.18 3.15 -40.50
CA ALA C 195 -24.79 4.29 -41.19
C ALA C 195 -23.75 5.27 -41.73
N GLY C 196 -22.47 4.95 -41.64
CA GLY C 196 -21.43 5.86 -42.12
C GLY C 196 -21.40 7.18 -41.40
N ILE C 197 -21.53 7.16 -40.07
CA ILE C 197 -21.53 8.38 -39.25
C ILE C 197 -20.23 8.41 -38.45
N VAL C 198 -19.55 9.55 -38.50
CA VAL C 198 -18.27 9.77 -37.77
C VAL C 198 -18.47 10.89 -36.74
N GLY C 199 -18.09 10.66 -35.49
CA GLY C 199 -18.33 11.63 -34.43
C GLY C 199 -17.64 11.21 -33.15
N VAL C 200 -17.38 12.21 -32.32
CA VAL C 200 -16.62 12.04 -31.09
C VAL C 200 -17.59 11.90 -29.94
N LEU C 201 -17.48 10.77 -29.24
CA LEU C 201 -18.39 10.50 -28.10
C LEU C 201 -18.00 11.35 -26.90
N THR C 202 -18.96 11.89 -26.18
CA THR C 202 -18.74 12.66 -24.96
C THR C 202 -19.67 12.15 -23.88
N LEU C 203 -19.21 12.21 -22.63
CA LEU C 203 -20.00 11.75 -21.51
C LEU C 203 -21.25 12.59 -21.29
N ASP C 204 -21.26 13.85 -21.72
CA ASP C 204 -22.36 14.75 -21.42
C ASP C 204 -23.55 14.61 -22.36
N ASN C 205 -23.45 13.75 -23.38
CA ASN C 205 -24.57 13.47 -24.26
C ASN C 205 -25.33 12.21 -23.86
N GLN C 206 -24.95 11.59 -22.75
CA GLN C 206 -25.56 10.34 -22.29
C GLN C 206 -26.23 10.60 -20.95
N ASP C 207 -27.51 10.29 -20.86
CA ASP C 207 -28.27 10.44 -19.60
C ASP C 207 -27.89 9.32 -18.65
N LEU C 208 -28.23 9.47 -17.37
CA LEU C 208 -27.94 8.45 -16.37
C LEU C 208 -28.67 7.14 -16.64
N ASN C 209 -29.63 7.13 -17.56
CA ASN C 209 -30.28 5.91 -18.01
C ASN C 209 -29.60 5.26 -19.19
N GLY C 210 -28.56 5.89 -19.76
CA GLY C 210 -27.86 5.34 -20.90
C GLY C 210 -28.36 5.80 -22.25
N ASN C 211 -29.17 6.85 -22.31
CA ASN C 211 -29.74 7.32 -23.56
C ASN C 211 -28.87 8.43 -24.15
N TRP C 212 -28.37 8.20 -25.35
CA TRP C 212 -27.67 9.24 -26.10
C TRP C 212 -28.68 10.16 -26.76
N TYR C 213 -28.47 11.47 -26.63
CA TYR C 213 -29.51 12.41 -27.12
C TYR C 213 -28.95 13.67 -27.76
N ASP C 214 -27.75 13.62 -28.35
CA ASP C 214 -27.20 14.81 -29.00
C ASP C 214 -26.24 14.38 -30.10
N PHE C 215 -26.57 14.73 -31.34
CA PHE C 215 -25.73 14.46 -32.50
C PHE C 215 -25.50 15.80 -33.21
N GLY C 216 -24.49 16.54 -32.75
CA GLY C 216 -24.26 17.87 -33.27
C GLY C 216 -23.35 17.95 -34.47
N ASP C 217 -22.12 17.46 -34.33
CA ASP C 217 -21.09 17.63 -35.34
C ASP C 217 -20.96 16.42 -36.27
N PHE C 218 -21.82 15.42 -36.12
CA PHE C 218 -21.70 14.20 -36.92
C PHE C 218 -21.87 14.53 -38.40
N ILE C 219 -20.99 13.95 -39.22
CA ILE C 219 -21.08 14.13 -40.67
C ILE C 219 -21.41 12.79 -41.30
N GLN C 220 -21.60 12.77 -42.62
CA GLN C 220 -22.01 11.58 -43.32
C GLN C 220 -20.84 10.94 -44.06
N THR C 221 -20.88 9.61 -44.17
CA THR C 221 -19.92 8.83 -44.93
C THR C 221 -20.68 7.66 -45.55
N THR C 222 -19.98 6.88 -46.37
CA THR C 222 -20.60 5.73 -46.98
C THR C 222 -21.05 4.74 -45.91
N PRO C 223 -22.30 4.25 -45.97
CA PRO C 223 -22.78 3.33 -44.94
C PRO C 223 -21.95 2.06 -44.89
N GLY C 224 -21.83 1.52 -43.68
CA GLY C 224 -20.96 0.39 -43.44
C GLY C 224 -19.52 0.74 -43.16
N SER C 225 -19.16 2.03 -43.16
CA SER C 225 -17.79 2.45 -42.94
C SER C 225 -17.69 3.62 -41.97
N GLY C 226 -18.63 3.73 -41.04
CA GLY C 226 -18.56 4.74 -40.01
C GLY C 226 -17.50 4.43 -38.98
N VAL C 227 -17.12 5.46 -38.22
CA VAL C 227 -16.05 5.29 -37.20
C VAL C 227 -16.35 6.18 -35.98
N PRO C 228 -16.57 5.61 -34.77
CA PRO C 228 -16.66 6.44 -33.57
C PRO C 228 -15.33 6.58 -32.86
N VAL C 229 -15.07 7.79 -32.37
CA VAL C 229 -13.91 8.09 -31.55
C VAL C 229 -14.37 8.11 -30.09
N VAL C 230 -13.85 7.18 -29.32
CA VAL C 230 -14.39 7.02 -27.94
C VAL C 230 -13.28 6.97 -26.89
N ASP C 231 -12.09 7.49 -27.22
CA ASP C 231 -10.98 7.38 -26.23
C ASP C 231 -11.21 8.28 -25.01
N SER C 232 -11.72 9.50 -25.19
CA SER C 232 -11.98 10.34 -24.02
C SER C 232 -13.09 9.78 -23.15
N TYR C 233 -14.16 9.30 -23.79
CA TYR C 233 -15.30 8.74 -23.06
C TYR C 233 -14.85 7.62 -22.12
N TYR C 234 -14.29 6.55 -22.69
CA TYR C 234 -13.89 5.41 -21.87
C TYR C 234 -12.79 5.79 -20.90
N SER C 235 -11.84 6.62 -21.33
CA SER C 235 -10.73 6.97 -20.45
C SER C 235 -11.20 7.73 -19.21
N LEU C 236 -12.11 8.69 -19.39
CA LEU C 236 -12.66 9.40 -18.24
C LEU C 236 -13.52 8.48 -17.38
N LEU C 237 -14.24 7.54 -18.00
CA LEU C 237 -15.12 6.66 -17.23
C LEU C 237 -14.35 5.58 -16.46
N MET C 238 -13.08 5.32 -16.80
CA MET C 238 -12.36 4.18 -16.22
C MET C 238 -12.40 4.09 -14.69
N PRO C 239 -12.11 5.12 -13.90
CA PRO C 239 -12.10 4.93 -12.43
C PRO C 239 -13.46 4.54 -11.86
N ILE C 240 -14.55 5.05 -12.42
CA ILE C 240 -15.87 4.79 -11.86
C ILE C 240 -16.28 3.34 -12.05
N LEU C 241 -15.73 2.66 -13.06
CA LEU C 241 -16.05 1.25 -13.25
C LEU C 241 -15.65 0.41 -12.05
N THR C 242 -14.46 0.64 -11.51
CA THR C 242 -14.06 -0.06 -10.29
C THR C 242 -14.65 0.57 -9.04
N LEU C 243 -14.93 1.89 -9.06
CA LEU C 243 -15.50 2.51 -7.88
C LEU C 243 -16.91 2.01 -7.59
N THR C 244 -17.71 1.83 -8.62
CA THR C 244 -19.10 1.38 -8.45
C THR C 244 -19.26 -0.13 -8.58
N ARG C 245 -18.20 -0.87 -8.83
CA ARG C 245 -18.27 -2.32 -9.05
C ARG C 245 -19.30 -2.64 -10.14
N ALA C 246 -19.00 -2.17 -11.35
CA ALA C 246 -19.98 -2.19 -12.43
C ALA C 246 -20.17 -3.59 -13.02
N LEU C 247 -19.15 -4.43 -12.98
CA LEU C 247 -19.18 -5.73 -13.64
C LEU C 247 -19.59 -6.86 -12.70
N THR C 248 -20.28 -6.55 -11.61
CA THR C 248 -20.69 -7.59 -10.66
C THR C 248 -21.67 -8.57 -11.32
N ALA C 249 -22.61 -8.06 -12.12
CA ALA C 249 -23.60 -8.90 -12.76
C ALA C 249 -22.97 -9.92 -13.69
N GLU C 250 -21.72 -9.70 -14.13
CA GLU C 250 -21.03 -10.66 -14.98
C GLU C 250 -20.64 -11.92 -14.25
N SER C 251 -20.68 -11.91 -12.92
CA SER C 251 -20.30 -13.08 -12.13
C SER C 251 -21.49 -13.97 -11.80
N HIS C 252 -22.68 -13.65 -12.27
CA HIS C 252 -23.87 -14.45 -12.04
C HIS C 252 -24.23 -15.24 -13.31
N VAL C 253 -25.03 -16.29 -13.11
CA VAL C 253 -25.45 -17.14 -14.21
C VAL C 253 -26.34 -16.34 -15.15
N ASP C 254 -26.03 -16.40 -16.45
CA ASP C 254 -26.72 -15.65 -17.50
C ASP C 254 -26.64 -14.14 -17.30
N THR C 255 -25.64 -13.68 -16.54
CA THR C 255 -25.43 -12.25 -16.25
C THR C 255 -26.73 -11.61 -15.73
N ASP C 256 -27.19 -12.12 -14.59
CA ASP C 256 -28.46 -11.73 -14.00
C ASP C 256 -28.30 -11.70 -12.48
N LEU C 257 -28.57 -10.55 -11.87
CA LEU C 257 -28.26 -10.38 -10.46
C LEU C 257 -29.10 -11.29 -9.56
N THR C 258 -30.35 -11.57 -9.95
CA THR C 258 -31.18 -12.49 -9.16
C THR C 258 -30.74 -13.93 -9.35
N LYS C 259 -30.16 -14.26 -10.49
CA LYS C 259 -29.73 -15.62 -10.77
C LYS C 259 -28.57 -16.00 -9.86
N PRO C 260 -28.32 -17.30 -9.68
CA PRO C 260 -27.22 -17.73 -8.81
C PRO C 260 -25.86 -17.41 -9.43
N TYR C 261 -24.83 -17.57 -8.60
CA TYR C 261 -23.46 -17.36 -9.03
C TYR C 261 -22.99 -18.49 -9.93
N ILE C 262 -22.15 -18.14 -10.91
CA ILE C 262 -21.56 -19.15 -11.79
C ILE C 262 -20.61 -20.02 -10.97
N LYS C 263 -20.67 -21.33 -11.21
CA LYS C 263 -19.84 -22.29 -10.47
C LYS C 263 -18.70 -22.71 -11.39
N TRP C 264 -17.62 -21.93 -11.37
CA TRP C 264 -16.44 -22.23 -12.17
C TRP C 264 -15.78 -23.50 -11.67
N ASP C 265 -15.12 -24.20 -12.59
CA ASP C 265 -14.32 -25.36 -12.21
C ASP C 265 -13.15 -24.95 -11.33
N LEU C 266 -12.81 -25.80 -10.37
CA LEU C 266 -11.69 -25.48 -9.48
C LEU C 266 -10.36 -25.42 -10.23
N LEU C 267 -10.21 -26.23 -11.27
CA LEU C 267 -8.94 -26.40 -11.96
C LEU C 267 -8.70 -25.37 -13.05
N LYS C 268 -9.69 -24.58 -13.42
CA LYS C 268 -9.53 -23.60 -14.48
C LYS C 268 -8.66 -22.44 -13.99
N TYR C 269 -7.67 -22.06 -14.80
CA TYR C 269 -6.83 -20.91 -14.48
C TYR C 269 -6.59 -19.96 -15.64
N ASP C 270 -6.89 -20.36 -16.88
CA ASP C 270 -6.48 -19.54 -18.03
C ASP C 270 -7.32 -18.28 -18.17
N PHE C 271 -8.62 -18.44 -18.43
CA PHE C 271 -9.59 -17.35 -18.50
C PHE C 271 -9.29 -16.36 -19.63
N THR C 272 -8.42 -16.71 -20.57
CA THR C 272 -8.08 -15.76 -21.64
C THR C 272 -9.28 -15.47 -22.54
N GLU C 273 -10.03 -16.50 -22.91
CA GLU C 273 -11.15 -16.31 -23.82
C GLU C 273 -12.25 -15.49 -23.16
N GLU C 274 -12.49 -15.69 -21.87
CA GLU C 274 -13.47 -14.86 -21.16
C GLU C 274 -13.02 -13.41 -21.13
N ARG C 275 -11.73 -13.16 -20.94
CA ARG C 275 -11.22 -11.79 -20.99
C ARG C 275 -11.47 -11.17 -22.35
N LEU C 276 -11.20 -11.90 -23.42
CA LEU C 276 -11.43 -11.37 -24.76
C LEU C 276 -12.92 -11.12 -25.00
N LYS C 277 -13.78 -12.01 -24.52
CA LYS C 277 -15.21 -11.84 -24.68
C LYS C 277 -15.71 -10.62 -23.93
N LEU C 278 -15.22 -10.40 -22.70
CA LEU C 278 -15.59 -9.21 -21.94
C LEU C 278 -15.12 -7.94 -22.63
N PHE C 279 -13.91 -7.98 -23.19
CA PHE C 279 -13.39 -6.82 -23.90
C PHE C 279 -14.24 -6.51 -25.13
N ASP C 280 -14.65 -7.54 -25.88
CA ASP C 280 -15.49 -7.29 -27.05
C ASP C 280 -16.91 -6.92 -26.66
N ARG C 281 -17.38 -7.32 -25.48
CA ARG C 281 -18.71 -6.96 -25.05
C ARG C 281 -18.79 -5.51 -24.60
N TYR C 282 -17.79 -5.03 -23.86
CA TYR C 282 -17.86 -3.68 -23.30
C TYR C 282 -16.99 -2.68 -24.03
N PHE C 283 -15.83 -3.08 -24.54
CA PHE C 283 -14.92 -2.13 -25.16
C PHE C 283 -14.67 -2.46 -26.62
N LYS C 284 -15.74 -2.75 -27.36
CA LYS C 284 -15.60 -3.20 -28.75
C LYS C 284 -14.91 -2.16 -29.62
N TYR C 285 -15.04 -0.88 -29.28
CA TYR C 285 -14.59 0.21 -30.12
C TYR C 285 -13.35 0.91 -29.54
N TRP C 286 -12.59 0.19 -28.72
CA TRP C 286 -11.28 0.66 -28.28
C TRP C 286 -10.29 0.44 -29.41
N ASP C 287 -9.70 1.52 -29.91
CA ASP C 287 -8.80 1.43 -31.09
C ASP C 287 -7.54 0.58 -30.82
N GLN C 288 -6.96 0.62 -29.63
CA GLN C 288 -5.69 -0.07 -29.40
C GLN C 288 -5.90 -1.58 -29.27
N THR C 289 -4.79 -2.31 -29.36
CA THR C 289 -4.78 -3.75 -29.28
C THR C 289 -4.62 -4.20 -27.83
N TYR C 290 -5.38 -5.22 -27.44
CA TYR C 290 -5.40 -5.74 -26.08
C TYR C 290 -4.72 -7.10 -26.02
N HIS C 291 -3.80 -7.27 -25.07
CA HIS C 291 -3.11 -8.54 -24.86
C HIS C 291 -3.57 -9.15 -23.56
N PRO C 292 -4.39 -10.20 -23.57
CA PRO C 292 -4.82 -10.82 -22.30
C PRO C 292 -3.68 -11.31 -21.43
N ASN C 293 -2.62 -11.84 -22.02
CA ASN C 293 -1.40 -12.21 -21.30
C ASN C 293 -0.34 -11.19 -21.66
N CYS C 294 0.12 -10.44 -20.67
CA CYS C 294 1.00 -9.30 -20.94
C CYS C 294 2.40 -9.72 -21.36
N VAL C 295 2.72 -11.02 -21.30
CA VAL C 295 3.99 -11.52 -21.81
C VAL C 295 4.13 -11.25 -23.30
N ASN C 296 3.03 -10.95 -23.98
CA ASN C 296 3.02 -10.70 -25.41
C ASN C 296 3.06 -9.21 -25.75
N CYS C 297 3.23 -8.35 -24.75
CA CYS C 297 3.19 -6.91 -25.00
C CYS C 297 4.46 -6.45 -25.73
N LEU C 298 4.44 -5.20 -26.17
CA LEU C 298 5.51 -4.63 -26.98
C LEU C 298 6.54 -3.87 -26.16
N ASP C 299 6.11 -3.07 -25.19
CA ASP C 299 7.03 -2.29 -24.36
C ASP C 299 6.40 -2.16 -22.98
N ASP C 300 6.87 -1.20 -22.19
CA ASP C 300 6.31 -0.98 -20.87
C ASP C 300 4.97 -0.24 -20.93
N ARG C 301 4.78 0.64 -21.91
CA ARG C 301 3.49 1.33 -22.03
C ARG C 301 2.38 0.36 -22.41
N CYS C 302 2.66 -0.57 -23.32
CA CYS C 302 1.70 -1.61 -23.64
C CYS C 302 1.40 -2.46 -22.42
N ILE C 303 2.42 -2.71 -21.60
CA ILE C 303 2.21 -3.46 -20.36
C ILE C 303 1.24 -2.71 -19.45
N LEU C 304 1.41 -1.39 -19.33
CA LEU C 304 0.52 -0.62 -18.47
C LEU C 304 -0.92 -0.67 -18.99
N HIS C 305 -1.09 -0.50 -20.29
CA HIS C 305 -2.44 -0.45 -20.88
C HIS C 305 -3.17 -1.80 -20.71
N CYS C 306 -2.50 -2.88 -21.10
CA CYS C 306 -3.11 -4.20 -20.99
C CYS C 306 -3.29 -4.62 -19.55
N ALA C 307 -2.37 -4.23 -18.65
CA ALA C 307 -2.54 -4.55 -17.24
C ALA C 307 -3.71 -3.80 -16.63
N ASN C 308 -3.96 -2.56 -17.06
CA ASN C 308 -5.16 -1.85 -16.58
C ASN C 308 -6.43 -2.60 -16.96
N PHE C 309 -6.51 -3.01 -18.22
CA PHE C 309 -7.71 -3.77 -18.62
C PHE C 309 -7.82 -5.07 -17.83
N ASN C 310 -6.70 -5.75 -17.60
CA ASN C 310 -6.74 -6.99 -16.83
C ASN C 310 -7.13 -6.75 -15.37
N VAL C 311 -6.75 -5.60 -14.81
CA VAL C 311 -7.17 -5.26 -13.46
C VAL C 311 -8.69 -5.14 -13.40
N LEU C 312 -9.28 -4.49 -14.40
CA LEU C 312 -10.73 -4.41 -14.44
C LEU C 312 -11.38 -5.80 -14.59
N PHE C 313 -10.79 -6.65 -15.43
CA PHE C 313 -11.45 -7.92 -15.76
C PHE C 313 -11.20 -9.02 -14.74
N SER C 314 -10.21 -8.91 -13.87
CA SER C 314 -9.90 -9.98 -12.94
C SER C 314 -10.85 -10.03 -11.74
N THR C 315 -11.75 -9.06 -11.61
CA THR C 315 -12.65 -9.02 -10.47
C THR C 315 -13.85 -9.95 -10.63
N VAL C 316 -14.00 -10.60 -11.78
CA VAL C 316 -15.16 -11.46 -12.05
C VAL C 316 -14.74 -12.92 -12.17
N PHE C 317 -13.59 -13.30 -11.63
CA PHE C 317 -13.10 -14.67 -11.70
C PHE C 317 -12.80 -15.18 -10.30
N PRO C 318 -12.88 -16.49 -10.08
CA PRO C 318 -12.72 -17.04 -8.73
C PRO C 318 -11.37 -16.70 -8.14
N PRO C 319 -11.32 -16.40 -6.83
CA PRO C 319 -10.05 -16.03 -6.21
C PRO C 319 -9.08 -17.18 -6.05
N THR C 320 -9.54 -18.42 -6.18
CA THR C 320 -8.65 -19.57 -6.11
C THR C 320 -7.89 -19.80 -7.41
N SER C 321 -8.26 -19.11 -8.48
CA SER C 321 -7.64 -19.29 -9.78
C SER C 321 -6.40 -18.43 -9.98
N PHE C 322 -5.97 -17.71 -8.94
CA PHE C 322 -4.84 -16.82 -9.03
C PHE C 322 -3.67 -17.34 -8.20
N GLY C 323 -2.48 -16.87 -8.53
CA GLY C 323 -1.28 -17.27 -7.83
C GLY C 323 -0.48 -18.32 -8.58
N PRO C 324 0.45 -18.97 -7.88
CA PRO C 324 1.33 -19.93 -8.54
C PRO C 324 0.57 -21.10 -9.14
N LEU C 325 1.02 -21.53 -10.31
CA LEU C 325 0.54 -22.74 -10.95
C LEU C 325 1.58 -23.82 -10.73
N VAL C 326 1.14 -24.99 -10.27
CA VAL C 326 2.07 -26.00 -9.79
C VAL C 326 1.96 -27.26 -10.65
N ARG C 327 2.98 -28.09 -10.53
CA ARG C 327 3.13 -29.29 -11.35
C ARG C 327 3.92 -30.31 -10.55
N LYS C 328 3.91 -31.54 -11.04
CA LYS C 328 4.60 -32.66 -10.40
C LYS C 328 5.78 -33.08 -11.25
N ILE C 329 6.98 -33.01 -10.68
CA ILE C 329 8.20 -33.38 -11.38
C ILE C 329 8.84 -34.57 -10.67
N PHE C 330 9.94 -35.10 -11.23
CA PHE C 330 10.58 -36.29 -10.69
C PHE C 330 12.06 -36.02 -10.52
N VAL C 331 12.53 -36.04 -9.28
CA VAL C 331 13.95 -35.93 -8.98
C VAL C 331 14.42 -37.25 -8.40
N ASP C 332 15.34 -37.91 -9.09
CA ASP C 332 15.76 -39.27 -8.76
C ASP C 332 14.56 -40.21 -8.61
N GLY C 333 13.53 -39.98 -9.42
CA GLY C 333 12.34 -40.78 -9.40
C GLY C 333 11.35 -40.44 -8.30
N VAL C 334 11.72 -39.59 -7.36
CA VAL C 334 10.79 -39.14 -6.32
C VAL C 334 9.94 -38.01 -6.88
N PRO C 335 8.61 -38.06 -6.72
CA PRO C 335 7.74 -37.02 -7.28
C PRO C 335 7.63 -35.82 -6.36
N PHE C 336 8.16 -34.68 -6.81
CA PHE C 336 8.07 -33.42 -6.12
C PHE C 336 6.96 -32.57 -6.70
N VAL C 337 6.50 -31.60 -5.92
CA VAL C 337 5.57 -30.57 -6.38
C VAL C 337 6.33 -29.26 -6.45
N VAL C 338 6.34 -28.65 -7.64
CA VAL C 338 7.05 -27.40 -7.86
C VAL C 338 6.10 -26.41 -8.52
N SER C 339 6.57 -25.17 -8.64
CA SER C 339 5.80 -24.10 -9.27
C SER C 339 6.38 -23.85 -10.66
N THR C 340 5.54 -23.98 -11.69
CA THR C 340 5.96 -23.86 -13.07
C THR C 340 5.47 -22.58 -13.74
N GLY C 341 4.52 -21.89 -13.14
CA GLY C 341 4.00 -20.68 -13.73
C GLY C 341 3.37 -19.81 -12.68
N TYR C 342 2.66 -18.80 -13.14
CA TYR C 342 1.98 -17.87 -12.24
C TYR C 342 0.85 -17.21 -12.99
N HIS C 343 -0.31 -17.12 -12.34
CA HIS C 343 -1.48 -16.44 -12.88
C HIS C 343 -1.66 -15.14 -12.10
N PHE C 344 -1.39 -14.02 -12.75
CA PHE C 344 -1.53 -12.72 -12.13
C PHE C 344 -2.93 -12.17 -12.37
N ARG C 345 -3.34 -11.26 -11.49
CA ARG C 345 -4.56 -10.51 -11.77
C ARG C 345 -4.32 -9.41 -12.79
N GLU C 346 -3.09 -8.90 -12.89
CA GLU C 346 -2.76 -7.81 -13.78
C GLU C 346 -2.02 -8.26 -15.03
N LEU C 347 -1.06 -9.17 -14.91
CA LEU C 347 -0.20 -9.56 -16.02
C LEU C 347 -0.66 -10.84 -16.72
N GLY C 348 -1.78 -11.43 -16.33
CA GLY C 348 -2.24 -12.64 -17.00
C GLY C 348 -1.43 -13.87 -16.59
N VAL C 349 -1.37 -14.83 -17.51
CA VAL C 349 -0.69 -16.09 -17.26
C VAL C 349 0.75 -16.00 -17.74
N VAL C 350 1.69 -16.45 -16.90
CA VAL C 350 3.10 -16.47 -17.21
C VAL C 350 3.62 -17.88 -16.97
N HIS C 351 4.41 -18.41 -17.89
CA HIS C 351 4.95 -19.76 -17.78
C HIS C 351 6.46 -19.73 -17.74
N ASN C 352 7.03 -20.53 -16.83
CA ASN C 352 8.48 -20.63 -16.73
C ASN C 352 9.05 -21.38 -17.92
N GLN C 353 10.18 -20.89 -18.43
CA GLN C 353 10.78 -21.46 -19.64
C GLN C 353 11.81 -22.54 -19.34
N ASP C 354 12.50 -22.43 -18.20
CA ASP C 354 13.59 -23.38 -17.85
C ASP C 354 13.03 -24.49 -16.98
N VAL C 355 12.35 -25.45 -17.60
CA VAL C 355 11.66 -26.53 -16.90
C VAL C 355 12.20 -27.86 -17.41
N ASN C 356 12.56 -28.75 -16.48
CA ASN C 356 12.94 -30.11 -16.82
C ASN C 356 12.09 -31.07 -15.98
N LEU C 357 11.29 -31.90 -16.66
CA LEU C 357 10.34 -32.75 -15.95
C LEU C 357 11.05 -33.81 -15.12
N HIS C 358 12.16 -34.36 -15.62
CA HIS C 358 12.96 -35.33 -14.89
C HIS C 358 14.33 -34.73 -14.61
N SER C 359 14.72 -34.71 -13.34
CA SER C 359 16.01 -34.18 -12.93
C SER C 359 16.83 -35.28 -12.26
N SER C 360 18.15 -35.07 -12.22
CA SER C 360 19.08 -36.08 -11.73
C SER C 360 19.55 -35.80 -10.30
N ARG C 361 20.16 -34.65 -10.07
CA ARG C 361 20.73 -34.31 -8.78
C ARG C 361 20.44 -32.85 -8.48
N LEU C 362 20.44 -32.51 -7.19
CA LEU C 362 20.14 -31.16 -6.73
C LEU C 362 21.40 -30.54 -6.14
N SER C 363 21.91 -29.50 -6.81
CA SER C 363 23.03 -28.71 -6.30
C SER C 363 22.50 -27.65 -5.34
N PHE C 364 23.33 -26.66 -5.01
CA PHE C 364 22.92 -25.63 -4.07
C PHE C 364 21.84 -24.74 -4.66
N LYS C 365 21.99 -24.35 -5.94
CA LYS C 365 21.10 -23.35 -6.53
C LYS C 365 19.67 -23.86 -6.62
N GLU C 366 19.49 -25.06 -7.17
CA GLU C 366 18.14 -25.61 -7.30
C GLU C 366 17.52 -25.94 -5.95
N LEU C 367 18.34 -26.38 -5.00
CA LEU C 367 17.82 -26.61 -3.65
C LEU C 367 17.30 -25.32 -3.03
N LEU C 368 18.04 -24.22 -3.21
CA LEU C 368 17.58 -22.93 -2.71
C LEU C 368 16.26 -22.54 -3.36
N VAL C 369 16.18 -22.65 -4.68
CA VAL C 369 14.97 -22.24 -5.40
C VAL C 369 13.77 -23.07 -4.95
N TYR C 370 13.95 -24.39 -4.80
CA TYR C 370 12.84 -25.23 -4.39
C TYR C 370 12.45 -25.00 -2.94
N ALA C 371 13.41 -24.72 -2.06
CA ALA C 371 13.06 -24.49 -0.65
C ALA C 371 12.35 -23.15 -0.46
N ALA C 372 12.70 -22.12 -1.23
CA ALA C 372 11.97 -20.88 -1.10
C ALA C 372 10.60 -20.94 -1.75
N ASP C 373 10.29 -22.02 -2.45
CA ASP C 373 9.02 -22.14 -3.16
C ASP C 373 7.87 -22.35 -2.17
N PRO C 374 6.78 -21.60 -2.29
CA PRO C 374 5.63 -21.82 -1.40
C PRO C 374 4.78 -23.01 -1.77
N ALA C 375 5.01 -23.61 -2.94
CA ALA C 375 4.11 -24.66 -3.43
C ALA C 375 4.07 -25.85 -2.49
N MET C 376 5.24 -26.38 -2.15
CA MET C 376 5.21 -27.61 -1.32
C MET C 376 4.71 -27.24 0.07
N HIS C 377 5.14 -26.10 0.61
CA HIS C 377 4.73 -25.73 1.96
C HIS C 377 3.22 -25.73 2.10
N ALA C 378 2.52 -25.14 1.13
CA ALA C 378 1.06 -25.17 1.15
C ALA C 378 0.53 -26.57 0.88
N ALA C 379 1.15 -27.30 -0.05
CA ALA C 379 0.63 -28.62 -0.42
C ALA C 379 0.74 -29.62 0.72
N SER C 380 1.67 -29.41 1.65
CA SER C 380 1.86 -30.31 2.78
C SER C 380 1.21 -29.79 4.05
N GLY C 381 0.36 -28.78 3.95
CA GLY C 381 -0.29 -28.19 5.11
C GLY C 381 -1.77 -28.54 5.21
N ASN C 382 -2.38 -28.06 6.29
CA ASN C 382 -3.78 -28.30 6.57
C ASN C 382 -4.63 -27.19 5.98
N LEU C 383 -5.88 -27.52 5.67
CA LEU C 383 -6.83 -26.51 5.26
C LEU C 383 -7.09 -25.55 6.42
N LEU C 384 -7.14 -24.25 6.13
CA LEU C 384 -7.33 -23.25 7.16
C LEU C 384 -8.52 -22.36 6.83
N LEU C 385 -9.31 -22.06 7.85
CA LEU C 385 -10.46 -21.16 7.72
C LEU C 385 -10.38 -20.18 8.88
N ASP C 386 -9.87 -18.97 8.62
CA ASP C 386 -9.73 -17.94 9.63
C ASP C 386 -10.84 -16.91 9.46
N LYS C 387 -11.70 -16.81 10.47
CA LYS C 387 -12.80 -15.86 10.44
C LYS C 387 -12.44 -14.51 11.02
N ARG C 388 -11.27 -14.38 11.65
CA ARG C 388 -10.82 -13.10 12.16
C ARG C 388 -10.43 -12.14 11.04
N THR C 389 -10.13 -12.65 9.85
CA THR C 389 -9.61 -11.83 8.76
C THR C 389 -10.45 -12.03 7.51
N THR C 390 -10.42 -11.03 6.65
CA THR C 390 -11.07 -11.07 5.35
C THR C 390 -10.10 -11.40 4.22
N CYS C 391 -8.86 -11.71 4.54
CA CYS C 391 -7.88 -12.11 3.54
C CYS C 391 -8.04 -13.59 3.22
N PHE C 392 -7.87 -13.93 1.95
CA PHE C 392 -7.91 -15.33 1.54
C PHE C 392 -6.84 -16.13 2.27
N SER C 393 -7.24 -17.25 2.84
CA SER C 393 -6.33 -18.12 3.57
C SER C 393 -5.99 -19.35 2.73
N VAL C 394 -4.75 -19.82 2.88
CA VAL C 394 -4.23 -20.94 2.10
C VAL C 394 -4.08 -22.18 2.95
N ALA C 395 -3.24 -22.13 3.98
CA ALA C 395 -2.96 -23.31 4.78
C ALA C 395 -2.42 -22.89 6.13
N ALA C 396 -2.36 -23.85 7.04
CA ALA C 396 -1.77 -23.68 8.36
C ALA C 396 -0.62 -24.67 8.51
N LEU C 397 0.61 -24.16 8.54
CA LEU C 397 1.76 -25.04 8.62
C LEU C 397 1.82 -25.78 9.95
N THR C 398 1.52 -25.08 11.04
CA THR C 398 1.54 -25.69 12.36
C THR C 398 0.17 -26.26 12.71
N ASN C 399 0.11 -26.98 13.83
CA ASN C 399 -1.18 -27.60 14.25
C ASN C 399 -1.86 -26.67 15.25
N ASN C 400 -1.14 -25.66 15.72
CA ASN C 400 -1.70 -24.75 16.71
C ASN C 400 -1.36 -23.32 16.30
N VAL C 401 -2.34 -22.43 16.36
CA VAL C 401 -2.11 -21.05 15.94
C VAL C 401 -1.19 -20.37 16.94
N ALA C 402 -0.49 -19.34 16.49
CA ALA C 402 0.48 -18.62 17.31
C ALA C 402 -0.07 -17.28 17.75
N PHE C 403 0.42 -16.80 18.89
CA PHE C 403 0.02 -15.51 19.46
C PHE C 403 1.27 -14.77 19.90
N GLN C 404 1.51 -13.60 19.32
CA GLN C 404 2.65 -12.77 19.67
C GLN C 404 2.14 -11.46 20.26
N THR C 405 2.60 -11.13 21.46
CA THR C 405 2.20 -9.95 22.19
C THR C 405 3.32 -8.92 22.18
N VAL C 406 3.04 -7.75 22.74
CA VAL C 406 4.03 -6.71 22.95
C VAL C 406 4.00 -6.29 24.41
N LYS C 407 5.18 -6.14 25.00
CA LYS C 407 5.34 -5.80 26.40
C LYS C 407 5.47 -4.29 26.58
N PRO C 408 5.23 -3.79 27.80
CA PRO C 408 5.47 -2.37 28.07
C PRO C 408 6.96 -2.07 28.10
N GLY C 409 7.27 -0.78 28.05
CA GLY C 409 8.65 -0.33 28.05
C GLY C 409 9.27 -0.39 29.43
N ASN C 410 10.56 -0.09 29.47
CA ASN C 410 11.31 -0.02 30.71
C ASN C 410 11.42 1.42 31.16
N PHE C 411 11.36 1.63 32.48
CA PHE C 411 11.31 2.96 33.07
C PHE C 411 12.67 3.35 33.63
N ASN C 412 13.17 4.51 33.21
CA ASN C 412 14.44 5.04 33.70
C ASN C 412 14.12 5.92 34.92
N LYS C 413 14.28 5.34 36.11
CA LYS C 413 13.92 6.05 37.33
C LYS C 413 14.87 7.20 37.62
N ASP C 414 16.15 7.02 37.32
CA ASP C 414 17.14 8.06 37.62
C ASP C 414 16.90 9.32 36.82
N PHE C 415 16.60 9.18 35.52
CA PHE C 415 16.32 10.35 34.70
C PHE C 415 15.04 11.04 35.15
N TYR C 416 14.01 10.27 35.52
CA TYR C 416 12.81 10.87 36.06
C TYR C 416 13.08 11.65 37.34
N ASP C 417 13.88 11.08 38.24
CA ASP C 417 14.22 11.77 39.47
C ASP C 417 14.97 13.06 39.20
N PHE C 418 15.93 13.02 38.28
CA PHE C 418 16.69 14.21 37.96
C PHE C 418 15.81 15.28 37.33
N ALA C 419 14.94 14.89 36.39
CA ALA C 419 14.05 15.86 35.77
C ALA C 419 13.10 16.48 36.78
N VAL C 420 12.57 15.68 37.71
CA VAL C 420 11.70 16.21 38.75
C VAL C 420 12.46 17.16 39.67
N SER C 421 13.68 16.79 40.05
CA SER C 421 14.49 17.65 40.90
C SER C 421 14.85 18.96 40.20
N LYS C 422 15.16 18.89 38.91
CA LYS C 422 15.52 20.09 38.17
C LYS C 422 14.35 21.01 37.88
N GLY C 423 13.16 20.75 38.43
CA GLY C 423 12.04 21.65 38.25
C GLY C 423 11.20 21.40 37.03
N PHE C 424 11.26 20.21 36.44
CA PHE C 424 10.42 19.89 35.30
C PHE C 424 9.12 19.25 35.78
N PHE C 425 8.24 18.95 34.82
CA PHE C 425 6.99 18.24 35.05
C PHE C 425 6.09 18.98 36.04
N LYS C 426 6.28 20.29 36.18
CA LYS C 426 5.34 21.11 36.91
C LYS C 426 4.00 21.12 36.18
N GLU C 427 2.91 21.06 36.94
CA GLU C 427 1.59 21.01 36.34
C GLU C 427 1.34 22.27 35.51
N GLY C 428 0.86 22.07 34.29
CA GLY C 428 0.62 23.15 33.37
C GLY C 428 1.78 23.50 32.47
N SER C 429 2.92 22.85 32.62
CA SER C 429 4.08 23.13 31.78
C SER C 429 3.75 22.82 30.32
N SER C 430 4.24 23.67 29.42
CA SER C 430 3.99 23.51 28.00
C SER C 430 4.60 22.22 27.45
N VAL C 431 5.52 21.61 28.20
CA VAL C 431 6.16 20.36 27.81
C VAL C 431 5.50 19.23 28.60
N GLU C 432 4.84 18.31 27.91
CA GLU C 432 4.19 17.17 28.53
C GLU C 432 4.63 15.88 27.86
N LEU C 433 4.64 14.80 28.63
CA LEU C 433 5.05 13.50 28.12
C LEU C 433 3.93 12.89 27.31
N LYS C 434 4.10 12.85 25.99
CA LYS C 434 3.11 12.27 25.09
C LYS C 434 3.47 10.87 24.60
N HIS C 435 4.74 10.64 24.27
CA HIS C 435 5.16 9.39 23.65
C HIS C 435 5.46 8.32 24.69
N PHE C 436 4.85 7.15 24.53
CA PHE C 436 5.03 6.03 25.44
C PHE C 436 5.24 4.76 24.63
N PHE C 437 5.38 3.64 25.34
CA PHE C 437 5.39 2.30 24.75
C PHE C 437 4.07 1.63 25.10
N PHE C 438 3.38 1.11 24.08
CA PHE C 438 2.04 0.56 24.27
C PHE C 438 2.08 -0.96 24.13
N ALA C 439 1.59 -1.65 25.15
CA ALA C 439 1.49 -3.09 25.13
C ALA C 439 0.32 -3.55 24.27
N GLN C 440 0.39 -4.81 23.83
CA GLN C 440 -0.64 -5.39 22.99
C GLN C 440 -0.94 -6.81 23.45
N ASP C 441 -2.13 -7.28 23.13
CA ASP C 441 -2.54 -8.64 23.46
C ASP C 441 -2.08 -9.59 22.36
N GLY C 442 -2.50 -10.85 22.45
CA GLY C 442 -2.01 -11.89 21.55
C GLY C 442 -2.57 -11.84 20.15
N ASN C 443 -3.54 -10.98 19.88
CA ASN C 443 -4.16 -10.85 18.56
C ASN C 443 -3.77 -9.54 17.89
N ALA C 444 -2.50 -9.14 18.03
CA ALA C 444 -2.04 -7.87 17.48
C ALA C 444 -1.48 -8.01 16.06
N ALA C 445 -0.74 -9.08 15.78
CA ALA C 445 -0.15 -9.25 14.47
C ALA C 445 -1.23 -9.41 13.40
N ILE C 446 -2.26 -10.21 13.68
CA ILE C 446 -3.34 -10.38 12.71
C ILE C 446 -4.22 -9.14 12.66
N SER C 447 -4.39 -8.45 13.78
CA SER C 447 -5.17 -7.21 13.77
C SER C 447 -4.49 -6.15 12.90
N ASP C 448 -3.17 -6.10 12.92
CA ASP C 448 -2.46 -5.19 12.01
C ASP C 448 -2.41 -5.71 10.59
N TYR C 449 -2.35 -7.04 10.41
CA TYR C 449 -2.38 -7.59 9.06
C TYR C 449 -3.69 -7.27 8.37
N ASP C 450 -4.80 -7.19 9.12
CA ASP C 450 -6.14 -6.92 8.55
C ASP C 450 -6.09 -5.39 8.53
N TYR C 451 -5.22 -4.77 7.75
CA TYR C 451 -5.30 -3.41 7.26
C TYR C 451 -5.20 -3.34 5.74
N TYR C 452 -4.87 -4.45 5.08
CA TYR C 452 -4.91 -4.50 3.63
C TYR C 452 -6.33 -4.48 3.11
N ARG C 453 -7.32 -4.58 4.00
CA ARG C 453 -8.72 -4.47 3.60
C ARG C 453 -9.03 -3.11 3.01
N TYR C 454 -8.17 -2.11 3.24
CA TYR C 454 -8.27 -0.83 2.56
C TYR C 454 -7.71 -0.86 1.16
N ASN C 455 -7.01 -1.93 0.78
CA ASN C 455 -6.52 -2.08 -0.59
C ASN C 455 -7.65 -2.57 -1.46
N LEU C 456 -8.16 -1.71 -2.34
CA LEU C 456 -9.23 -2.07 -3.24
C LEU C 456 -8.72 -2.14 -4.68
N PRO C 457 -9.31 -3.00 -5.50
CA PRO C 457 -8.96 -3.00 -6.93
C PRO C 457 -9.33 -1.67 -7.57
N THR C 458 -8.37 -1.06 -8.25
CA THR C 458 -8.54 0.27 -8.82
C THR C 458 -8.18 0.25 -10.30
N MET C 459 -9.08 0.79 -11.12
CA MET C 459 -8.83 1.00 -12.53
C MET C 459 -8.47 2.47 -12.74
N CYS C 460 -7.41 2.72 -13.49
CA CYS C 460 -6.90 4.06 -13.68
C CYS C 460 -7.27 4.60 -15.05
N ASP C 461 -7.45 5.92 -15.12
CA ASP C 461 -7.51 6.62 -16.40
C ASP C 461 -6.19 6.38 -17.12
N ILE C 462 -6.23 5.67 -18.26
CA ILE C 462 -4.98 5.17 -18.82
C ILE C 462 -4.26 6.23 -19.66
N ARG C 463 -4.99 7.11 -20.34
CA ARG C 463 -4.34 8.19 -21.06
C ARG C 463 -3.62 9.12 -20.10
N GLN C 464 -4.30 9.44 -18.99
CA GLN C 464 -3.68 10.27 -17.95
C GLN C 464 -2.45 9.56 -17.39
N LEU C 465 -2.54 8.26 -17.15
CA LEU C 465 -1.41 7.52 -16.58
C LEU C 465 -0.22 7.51 -17.53
N LEU C 466 -0.46 7.40 -18.84
CA LEU C 466 0.64 7.39 -19.78
C LEU C 466 1.35 8.74 -19.84
N PHE C 467 0.59 9.83 -19.98
CA PHE C 467 1.23 11.14 -19.98
C PHE C 467 1.97 11.38 -18.67
N VAL C 468 1.36 11.02 -17.54
CA VAL C 468 1.95 11.28 -16.24
C VAL C 468 3.20 10.44 -16.04
N VAL C 469 3.21 9.20 -16.54
CA VAL C 469 4.42 8.39 -16.39
C VAL C 469 5.57 8.97 -17.19
N GLU C 470 5.29 9.55 -18.36
CA GLU C 470 6.37 10.23 -19.09
C GLU C 470 6.90 11.42 -18.30
N VAL C 471 6.00 12.26 -17.78
CA VAL C 471 6.44 13.43 -17.02
C VAL C 471 7.20 13.00 -15.76
N VAL C 472 6.77 11.92 -15.12
CA VAL C 472 7.39 11.45 -13.88
C VAL C 472 8.77 10.87 -14.16
N ASP C 473 8.97 10.25 -15.33
CA ASP C 473 10.33 9.74 -15.68
C ASP C 473 11.21 10.91 -16.07
N LYS C 474 10.62 12.02 -16.50
CA LYS C 474 11.47 13.18 -16.75
C LYS C 474 12.16 13.67 -15.47
N TYR C 475 11.68 13.24 -14.30
CA TYR C 475 12.30 13.59 -13.02
C TYR C 475 13.47 12.69 -12.66
N PHE C 476 13.67 11.59 -13.40
CA PHE C 476 14.70 10.60 -13.10
C PHE C 476 15.70 10.48 -14.23
N ASP C 477 15.91 11.55 -14.98
CA ASP C 477 16.78 11.53 -16.15
C ASP C 477 18.19 12.01 -15.84
N CYS C 478 18.54 12.08 -14.56
CA CYS C 478 19.87 12.54 -14.14
C CYS C 478 20.63 11.50 -13.34
N TYR C 479 20.19 10.25 -13.34
CA TYR C 479 20.83 9.21 -12.53
C TYR C 479 21.46 8.15 -13.42
N ASP C 480 22.35 7.37 -12.81
CA ASP C 480 23.05 6.28 -13.48
C ASP C 480 22.49 4.96 -12.96
N GLY C 481 22.19 4.03 -13.86
CA GLY C 481 21.61 2.78 -13.44
C GLY C 481 21.84 1.68 -14.45
N GLY C 482 21.54 0.46 -14.03
CA GLY C 482 21.76 -0.70 -14.85
C GLY C 482 22.13 -1.89 -13.98
N CYS C 483 22.59 -2.95 -14.63
CA CYS C 483 22.88 -4.20 -13.96
C CYS C 483 24.33 -4.25 -13.50
N ILE C 484 24.54 -4.77 -12.30
CA ILE C 484 25.88 -5.00 -11.77
C ILE C 484 26.05 -6.50 -11.57
N ASN C 485 27.23 -6.92 -11.12
CA ASN C 485 27.53 -8.32 -10.90
C ASN C 485 27.53 -8.63 -9.41
N ALA C 486 27.91 -9.85 -9.07
CA ALA C 486 27.91 -10.26 -7.67
C ALA C 486 29.12 -9.76 -6.90
N ASN C 487 30.15 -9.29 -7.60
CA ASN C 487 31.31 -8.70 -6.94
C ASN C 487 31.21 -7.18 -6.83
N GLN C 488 30.15 -6.58 -7.36
CA GLN C 488 29.91 -5.16 -7.26
C GLN C 488 28.79 -4.83 -6.28
N VAL C 489 28.31 -5.81 -5.53
CA VAL C 489 27.15 -5.64 -4.66
C VAL C 489 27.61 -5.25 -3.26
N ILE C 490 26.99 -4.22 -2.71
CA ILE C 490 27.29 -3.70 -1.38
C ILE C 490 26.12 -4.03 -0.47
N VAL C 491 26.38 -4.75 0.62
CA VAL C 491 25.36 -5.11 1.59
C VAL C 491 25.77 -4.56 2.95
N ASN C 492 24.90 -3.75 3.55
CA ASN C 492 25.27 -3.06 4.83
C ASN C 492 25.32 -4.04 5.99
N ASN C 493 24.23 -4.76 6.24
CA ASN C 493 24.18 -5.63 7.44
C ASN C 493 23.92 -7.07 7.05
N LEU C 494 24.84 -7.98 7.40
CA LEU C 494 24.71 -9.41 7.04
C LEU C 494 24.26 -10.22 8.25
N ASP C 495 23.98 -9.58 9.38
CA ASP C 495 23.46 -10.30 10.57
C ASP C 495 21.94 -10.14 10.62
N LYS C 496 21.34 -9.56 9.58
CA LYS C 496 19.86 -9.45 9.49
C LYS C 496 19.27 -10.80 9.08
N SER C 497 17.95 -10.98 9.19
CA SER C 497 17.31 -12.29 8.92
C SER C 497 17.01 -12.57 7.43
N ALA C 498 16.85 -13.86 7.08
CA ALA C 498 16.64 -14.26 5.66
C ALA C 498 15.19 -14.59 5.32
N GLY C 499 14.28 -14.69 6.28
CA GLY C 499 12.86 -14.96 6.02
C GLY C 499 12.55 -16.44 6.07
N PHE C 500 11.31 -16.84 5.79
CA PHE C 500 10.94 -18.29 5.74
C PHE C 500 11.36 -18.86 4.39
N PRO C 501 11.83 -20.12 4.25
CA PRO C 501 12.12 -21.03 5.34
C PRO C 501 13.56 -20.92 5.87
N PHE C 502 14.36 -20.01 5.33
CA PHE C 502 15.79 -19.88 5.66
C PHE C 502 16.02 -19.45 7.11
N ASN C 503 15.10 -18.71 7.71
CA ASN C 503 15.34 -18.16 9.08
C ASN C 503 15.64 -19.32 10.01
N LYS C 504 15.13 -20.49 9.70
CA LYS C 504 15.36 -21.70 10.51
C LYS C 504 16.85 -22.08 10.51
N TRP C 505 17.59 -21.81 9.43
CA TRP C 505 18.98 -22.34 9.37
C TRP C 505 20.09 -21.30 9.56
N GLY C 506 19.80 -20.00 9.61
CA GLY C 506 20.84 -19.03 9.90
C GLY C 506 20.49 -17.64 9.40
N LYS C 507 21.45 -16.75 9.56
CA LYS C 507 21.26 -15.33 9.16
C LYS C 507 21.61 -15.20 7.68
N ALA C 508 21.53 -14.00 7.14
CA ALA C 508 21.85 -13.78 5.74
C ALA C 508 23.33 -13.98 5.45
N ARG C 509 24.17 -13.93 6.49
CA ARG C 509 25.60 -14.15 6.32
C ARG C 509 25.89 -15.52 5.76
N LEU C 510 25.17 -16.54 6.24
CA LEU C 510 25.39 -17.91 5.76
C LEU C 510 25.12 -18.01 4.27
N TYR C 511 24.00 -17.45 3.83
CA TYR C 511 23.61 -17.60 2.43
C TYR C 511 24.39 -16.69 1.50
N TYR C 512 24.96 -15.59 2.00
CA TYR C 512 25.87 -14.84 1.16
C TYR C 512 27.24 -15.50 1.09
N ASP C 513 27.70 -16.12 2.18
CA ASP C 513 29.02 -16.72 2.22
C ASP C 513 29.08 -18.06 1.50
N SER C 514 28.00 -18.85 1.54
CA SER C 514 28.01 -20.19 0.97
C SER C 514 27.82 -20.21 -0.53
N MET C 515 27.37 -19.10 -1.09
CA MET C 515 27.19 -19.00 -2.56
C MET C 515 28.40 -18.32 -3.19
N SER C 516 29.00 -18.91 -4.21
CA SER C 516 30.05 -18.23 -4.94
C SER C 516 29.42 -17.18 -5.85
N TYR C 517 30.27 -16.29 -6.39
CA TYR C 517 29.76 -15.28 -7.31
C TYR C 517 29.16 -15.88 -8.55
N GLU C 518 29.71 -17.02 -9.01
CA GLU C 518 29.12 -17.72 -10.15
C GLU C 518 27.69 -18.17 -9.85
N ASP C 519 27.44 -18.67 -8.64
CA ASP C 519 26.10 -19.14 -8.23
C ASP C 519 25.10 -17.98 -8.23
N GLN C 520 25.53 -16.84 -7.72
CA GLN C 520 24.64 -15.68 -7.69
C GLN C 520 24.36 -15.16 -9.09
N ASP C 521 25.37 -15.15 -9.95
CA ASP C 521 25.15 -14.75 -11.34
C ASP C 521 24.19 -15.71 -12.04
N ALA C 522 24.34 -17.01 -11.80
CA ALA C 522 23.46 -17.99 -12.39
C ALA C 522 22.04 -17.84 -11.87
N LEU C 523 21.88 -17.54 -10.58
CA LEU C 523 20.54 -17.32 -10.03
C LEU C 523 19.88 -16.09 -10.64
N PHE C 524 20.67 -15.04 -10.88
CA PHE C 524 20.13 -13.87 -11.59
C PHE C 524 19.71 -14.24 -13.00
N ALA C 525 20.54 -14.99 -13.71
CA ALA C 525 20.18 -15.43 -15.06
C ALA C 525 18.93 -16.30 -15.06
N TYR C 526 18.73 -17.07 -14.00
CA TYR C 526 17.50 -17.84 -13.83
C TYR C 526 16.30 -16.92 -13.65
N THR C 527 16.42 -15.86 -12.85
CA THR C 527 15.26 -15.00 -12.59
C THR C 527 14.96 -14.15 -13.79
N LYS C 528 15.87 -14.10 -14.74
CA LYS C 528 15.53 -13.36 -15.96
C LYS C 528 14.68 -14.15 -16.95
N ARG C 529 14.44 -15.44 -16.70
CA ARG C 529 13.58 -16.23 -17.58
C ARG C 529 12.52 -17.05 -16.86
N ASN C 530 12.48 -17.02 -15.52
CA ASN C 530 11.49 -17.78 -14.78
C ASN C 530 10.91 -16.90 -13.68
N VAL C 531 9.97 -17.46 -12.91
CA VAL C 531 9.33 -16.78 -11.80
C VAL C 531 9.51 -17.64 -10.56
N ILE C 532 10.12 -17.06 -9.53
CA ILE C 532 10.26 -17.74 -8.24
C ILE C 532 9.32 -17.06 -7.25
N PRO C 533 8.24 -17.72 -6.83
CA PRO C 533 7.41 -17.15 -5.77
C PRO C 533 8.06 -17.33 -4.42
N THR C 534 7.92 -16.34 -3.56
CA THR C 534 8.53 -16.37 -2.25
C THR C 534 7.49 -16.07 -1.18
N ILE C 535 7.81 -16.48 0.03
CA ILE C 535 6.99 -16.21 1.21
C ILE C 535 7.65 -15.10 2.01
N THR C 536 6.87 -14.14 2.47
CA THR C 536 7.34 -13.14 3.42
C THR C 536 6.86 -13.50 4.82
N GLN C 537 7.47 -12.87 5.81
CA GLN C 537 7.07 -13.01 7.19
C GLN C 537 6.59 -11.66 7.72
N MET C 538 5.74 -11.72 8.74
CA MET C 538 5.24 -10.53 9.41
C MET C 538 5.81 -10.47 10.82
N ASN C 539 6.45 -9.36 11.15
CA ASN C 539 7.12 -9.20 12.43
C ASN C 539 6.61 -7.96 13.14
N LEU C 540 6.66 -7.98 14.47
CA LEU C 540 6.20 -6.88 15.30
C LEU C 540 7.41 -6.10 15.78
N LYS C 541 7.38 -4.77 15.61
CA LYS C 541 8.53 -3.92 15.92
C LYS C 541 8.27 -3.13 17.19
N TYR C 542 9.14 -3.29 18.17
CA TYR C 542 9.10 -2.44 19.36
C TYR C 542 9.49 -1.02 18.96
N ALA C 543 8.70 -0.05 19.38
CA ALA C 543 8.90 1.33 18.97
C ALA C 543 8.27 2.23 20.02
N ILE C 544 8.45 3.54 19.82
CA ILE C 544 7.84 4.56 20.66
C ILE C 544 6.91 5.39 19.79
N SER C 545 5.77 5.77 20.35
CA SER C 545 4.81 6.56 19.58
C SER C 545 3.86 7.27 20.53
N ALA C 546 3.17 8.28 20.01
CA ALA C 546 2.07 8.94 20.69
C ALA C 546 0.73 8.37 20.26
N LYS C 547 0.73 7.20 19.63
CA LYS C 547 -0.48 6.51 19.20
C LYS C 547 -0.46 5.10 19.75
N ASN C 548 -1.64 4.55 19.98
CA ASN C 548 -1.80 3.20 20.52
C ASN C 548 -2.01 2.26 19.34
N ARG C 549 -0.90 1.73 18.82
CA ARG C 549 -0.95 0.87 17.64
C ARG C 549 0.33 0.06 17.59
N ALA C 550 0.18 -1.26 17.55
CA ALA C 550 1.32 -2.11 17.23
C ALA C 550 1.68 -1.95 15.76
N ARG C 551 2.98 -2.02 15.48
CA ARG C 551 3.47 -1.89 14.11
C ARG C 551 4.10 -3.19 13.66
N THR C 552 3.74 -3.62 12.45
CA THR C 552 4.32 -4.80 11.83
C THR C 552 5.10 -4.41 10.59
N VAL C 553 6.27 -5.02 10.43
CA VAL C 553 7.09 -4.90 9.24
C VAL C 553 7.08 -6.23 8.51
N ALA C 554 7.23 -6.18 7.19
CA ALA C 554 7.18 -7.36 6.35
C ALA C 554 8.60 -7.73 5.91
N GLY C 555 9.11 -8.84 6.44
CA GLY C 555 10.43 -9.32 6.06
C GLY C 555 10.36 -10.21 4.84
N VAL C 556 11.30 -10.01 3.92
CA VAL C 556 11.31 -10.70 2.65
C VAL C 556 12.35 -11.81 2.67
N SER C 557 12.17 -12.80 1.79
CA SER C 557 13.10 -13.91 1.67
C SER C 557 14.41 -13.44 1.03
N ILE C 558 15.46 -14.24 1.21
CA ILE C 558 16.81 -13.83 0.84
C ILE C 558 16.99 -13.81 -0.68
N CYS C 559 16.38 -14.76 -1.38
CA CYS C 559 16.55 -14.84 -2.83
C CYS C 559 16.03 -13.59 -3.53
N SER C 560 14.83 -13.15 -3.14
CA SER C 560 14.27 -11.94 -3.72
C SER C 560 15.19 -10.76 -3.48
N THR C 561 15.76 -10.67 -2.28
CA THR C 561 16.64 -9.55 -1.96
C THR C 561 17.91 -9.58 -2.79
N MET C 562 18.51 -10.75 -2.97
CA MET C 562 19.73 -10.83 -3.76
C MET C 562 19.50 -10.41 -5.21
N THR C 563 18.48 -10.93 -5.87
CA THR C 563 18.34 -10.52 -7.27
C THR C 563 17.83 -9.08 -7.35
N ASN C 564 17.01 -8.60 -6.41
CA ASN C 564 16.66 -7.18 -6.45
C ASN C 564 17.87 -6.29 -6.25
N ARG C 565 18.80 -6.71 -5.39
CA ARG C 565 20.03 -5.95 -5.19
C ARG C 565 20.81 -5.88 -6.50
N GLN C 566 21.06 -7.03 -7.11
CA GLN C 566 21.79 -7.04 -8.38
C GLN C 566 21.08 -6.22 -9.45
N PHE C 567 19.76 -6.13 -9.37
CA PHE C 567 19.00 -5.44 -10.41
C PHE C 567 18.93 -3.93 -10.18
N HIS C 568 18.92 -3.47 -8.92
CA HIS C 568 18.56 -2.09 -8.60
C HIS C 568 19.61 -1.28 -7.86
N GLN C 569 20.67 -1.91 -7.32
CA GLN C 569 21.54 -1.19 -6.39
C GLN C 569 22.28 -0.05 -7.07
N LYS C 570 22.67 -0.23 -8.34
CA LYS C 570 23.39 0.84 -9.03
C LYS C 570 22.59 2.13 -9.04
N LEU C 571 21.34 2.06 -9.50
CA LEU C 571 20.47 3.23 -9.53
C LEU C 571 20.17 3.74 -8.13
N LEU C 572 19.96 2.84 -7.17
CA LEU C 572 19.62 3.30 -5.83
C LEU C 572 20.78 4.09 -5.20
N LYS C 573 22.01 3.57 -5.33
CA LYS C 573 23.18 4.29 -4.83
C LYS C 573 23.36 5.61 -5.57
N SER C 574 23.12 5.62 -6.89
CA SER C 574 23.21 6.87 -7.63
C SER C 574 22.23 7.91 -7.11
N ILE C 575 21.00 7.49 -6.81
CA ILE C 575 20.01 8.41 -6.25
C ILE C 575 20.48 8.92 -4.88
N ALA C 576 20.96 8.00 -4.05
CA ALA C 576 21.37 8.37 -2.70
C ALA C 576 22.65 9.18 -2.66
N ALA C 577 23.36 9.30 -3.79
CA ALA C 577 24.59 10.09 -3.86
C ALA C 577 24.45 11.29 -4.80
N THR C 578 23.34 12.00 -4.70
CA THR C 578 23.12 13.21 -5.50
C THR C 578 22.57 14.31 -4.61
N ARG C 579 23.06 15.53 -4.82
CA ARG C 579 22.69 16.67 -3.99
C ARG C 579 22.05 17.75 -4.87
N GLY C 580 21.02 18.39 -4.33
CA GLY C 580 20.28 19.36 -5.11
C GLY C 580 19.42 18.70 -6.17
N ALA C 581 18.39 17.98 -5.75
CA ALA C 581 17.48 17.31 -6.66
C ALA C 581 16.11 17.28 -6.01
N THR C 582 15.12 16.78 -6.76
CA THR C 582 13.77 16.70 -6.23
C THR C 582 13.68 15.68 -5.10
N VAL C 583 14.41 14.57 -5.22
CA VAL C 583 14.43 13.52 -4.21
C VAL C 583 15.64 13.78 -3.31
N VAL C 584 15.39 13.93 -2.01
CA VAL C 584 16.44 14.31 -1.07
C VAL C 584 16.80 13.15 -0.16
N ILE C 585 16.60 11.92 -0.64
CA ILE C 585 17.05 10.75 0.10
C ILE C 585 18.57 10.68 0.05
N GLY C 586 19.19 10.54 1.22
CA GLY C 586 20.63 10.47 1.32
C GLY C 586 21.29 11.76 1.77
N THR C 587 20.57 12.88 1.76
CA THR C 587 21.14 14.16 2.16
C THR C 587 21.03 14.34 3.67
N SER C 588 22.16 14.66 4.30
CA SER C 588 22.20 14.84 5.73
C SER C 588 21.62 16.19 6.13
N LYS C 589 21.05 16.25 7.33
CA LYS C 589 20.52 17.47 7.89
C LYS C 589 21.55 18.27 8.67
N PHE C 590 22.72 17.70 8.92
CA PHE C 590 23.75 18.33 9.71
C PHE C 590 24.65 19.18 8.84
N TYR C 591 25.43 20.04 9.49
CA TYR C 591 26.44 20.87 8.83
C TYR C 591 25.83 21.74 7.73
N GLY C 592 24.68 22.33 8.00
CA GLY C 592 24.01 23.17 7.04
C GLY C 592 23.19 22.44 5.99
N GLY C 593 22.96 21.14 6.16
CA GLY C 593 22.17 20.41 5.18
C GLY C 593 20.74 20.91 5.10
N TRP C 594 20.12 21.17 6.26
CA TRP C 594 18.74 21.65 6.28
C TRP C 594 18.61 22.98 5.56
N HIS C 595 19.53 23.91 5.80
CA HIS C 595 19.52 25.19 5.12
C HIS C 595 19.67 25.01 3.61
N ASN C 596 20.58 24.13 3.20
CA ASN C 596 20.80 23.88 1.77
C ASN C 596 19.56 23.31 1.11
N MET C 597 18.89 22.35 1.76
CA MET C 597 17.69 21.76 1.18
C MET C 597 16.57 22.78 1.08
N LEU C 598 16.37 23.58 2.12
CA LEU C 598 15.32 24.59 2.08
C LEU C 598 15.59 25.63 1.00
N LYS C 599 16.85 26.04 0.85
CA LYS C 599 17.20 27.01 -0.19
C LYS C 599 17.07 26.41 -1.58
N THR C 600 17.37 25.12 -1.74
CA THR C 600 17.20 24.47 -3.03
C THR C 600 15.72 24.38 -3.40
N VAL C 601 14.85 24.08 -2.43
CA VAL C 601 13.44 23.94 -2.78
C VAL C 601 12.77 25.30 -2.98
N TYR C 602 13.27 26.36 -2.34
CA TYR C 602 12.66 27.67 -2.55
C TYR C 602 12.85 28.15 -3.97
N SER C 603 13.96 27.80 -4.61
CA SER C 603 14.21 28.03 -6.04
C SER C 603 14.07 29.53 -6.31
N ASP C 604 13.29 29.94 -7.29
CA ASP C 604 12.97 31.35 -7.52
C ASP C 604 11.50 31.49 -7.89
N VAL C 605 10.63 30.81 -7.13
CA VAL C 605 9.21 30.90 -7.36
C VAL C 605 8.73 32.32 -7.10
N GLU C 606 7.77 32.78 -7.91
CA GLU C 606 7.42 34.20 -7.92
C GLU C 606 6.77 34.63 -6.62
N ASN C 607 5.74 33.91 -6.17
CA ASN C 607 4.95 34.29 -5.00
C ASN C 607 4.86 33.10 -4.06
N PRO C 608 5.97 32.77 -3.38
CA PRO C 608 6.09 31.45 -2.76
C PRO C 608 5.12 31.24 -1.61
N HIS C 609 4.44 30.10 -1.63
CA HIS C 609 3.80 29.54 -0.45
C HIS C 609 4.26 28.11 -0.27
N LEU C 610 4.22 27.64 0.97
CA LEU C 610 4.70 26.32 1.34
C LEU C 610 3.51 25.42 1.63
N MET C 611 3.61 24.16 1.22
CA MET C 611 2.54 23.20 1.41
C MET C 611 3.16 21.86 1.78
N GLY C 612 2.46 21.10 2.60
CA GLY C 612 2.96 19.79 3.00
C GLY C 612 1.84 18.86 3.33
N TRP C 613 2.11 17.56 3.15
CA TRP C 613 1.08 16.56 3.32
C TRP C 613 1.71 15.24 3.73
N ASP C 614 0.86 14.32 4.20
CA ASP C 614 1.25 12.96 4.50
C ASP C 614 0.20 12.01 3.94
N TYR C 615 0.62 10.80 3.65
CA TYR C 615 -0.32 9.81 3.14
C TYR C 615 -0.87 8.99 4.31
N PRO C 616 -2.19 8.90 4.45
CA PRO C 616 -2.78 8.25 5.63
C PRO C 616 -2.26 6.84 5.87
N LYS C 617 -2.40 5.97 4.89
CA LYS C 617 -1.90 4.60 4.98
C LYS C 617 -1.14 4.31 3.68
N CYS C 618 0.19 4.33 3.76
CA CYS C 618 0.98 4.26 2.55
C CYS C 618 0.95 2.86 1.94
N ASP C 619 1.47 1.87 2.68
CA ASP C 619 1.66 0.55 2.10
C ASP C 619 0.35 -0.22 1.96
N ARG C 620 -0.62 0.02 2.84
CA ARG C 620 -1.87 -0.75 2.78
C ARG C 620 -2.72 -0.32 1.59
N ALA C 621 -2.84 0.98 1.35
CA ALA C 621 -3.82 1.52 0.41
C ALA C 621 -3.20 2.07 -0.86
N MET C 622 -2.18 1.40 -1.40
CA MET C 622 -1.56 1.82 -2.65
C MET C 622 -2.09 0.97 -3.79
N PRO C 623 -2.71 1.56 -4.81
CA PRO C 623 -3.21 0.76 -5.94
C PRO C 623 -2.07 0.03 -6.64
N ASN C 624 -2.36 -1.19 -7.09
CA ASN C 624 -1.32 -2.03 -7.70
C ASN C 624 -0.80 -1.46 -9.00
N MET C 625 -1.63 -0.70 -9.71
CA MET C 625 -1.19 -0.11 -10.97
C MET C 625 -0.07 0.90 -10.75
N LEU C 626 -0.16 1.68 -9.66
CA LEU C 626 0.88 2.65 -9.37
C LEU C 626 2.16 1.98 -8.91
N ARG C 627 2.06 0.84 -8.22
CA ARG C 627 3.25 0.07 -7.87
C ARG C 627 3.92 -0.51 -9.11
N ILE C 628 3.13 -1.02 -10.04
CA ILE C 628 3.69 -1.51 -11.30
C ILE C 628 4.34 -0.37 -12.08
N MET C 629 3.70 0.80 -12.08
CA MET C 629 4.29 1.98 -12.72
C MET C 629 5.62 2.35 -12.09
N ALA C 630 5.70 2.29 -10.76
CA ALA C 630 6.96 2.59 -10.08
C ALA C 630 8.04 1.62 -10.50
N SER C 631 7.73 0.32 -10.54
CA SER C 631 8.71 -0.67 -10.95
C SER C 631 9.18 -0.45 -12.38
N LEU C 632 8.25 -0.10 -13.28
CA LEU C 632 8.64 0.14 -14.67
C LEU C 632 9.51 1.38 -14.81
N VAL C 633 9.19 2.46 -14.08
CA VAL C 633 10.03 3.65 -14.12
C VAL C 633 11.42 3.33 -13.59
N LEU C 634 11.50 2.56 -12.51
CA LEU C 634 12.81 2.18 -11.98
C LEU C 634 13.59 1.33 -12.98
N ALA C 635 12.92 0.40 -13.65
CA ALA C 635 13.59 -0.54 -14.54
C ALA C 635 13.85 0.03 -15.93
N ARG C 636 13.40 1.26 -16.20
CA ARG C 636 13.69 1.87 -17.49
C ARG C 636 15.17 2.17 -17.71
N LYS C 637 16.01 2.07 -16.69
CA LYS C 637 17.44 2.34 -16.82
C LYS C 637 18.20 1.26 -17.58
N HIS C 638 17.56 0.12 -17.88
CA HIS C 638 18.23 -1.02 -18.49
C HIS C 638 18.06 -1.06 -20.00
N THR C 639 18.06 0.11 -20.64
CA THR C 639 17.81 0.17 -22.08
C THR C 639 18.87 -0.57 -22.89
N THR C 640 20.08 -0.71 -22.34
CA THR C 640 21.19 -1.30 -23.09
C THR C 640 21.68 -2.63 -22.54
N CYS C 641 21.16 -3.10 -21.41
CA CYS C 641 21.66 -4.32 -20.80
C CYS C 641 20.63 -5.44 -20.69
N CYS C 642 19.35 -5.17 -20.92
CA CYS C 642 18.32 -6.20 -20.83
C CYS C 642 17.38 -6.10 -22.02
N SER C 643 17.09 -7.24 -22.64
CA SER C 643 16.07 -7.32 -23.66
C SER C 643 14.68 -7.28 -23.01
N LEU C 644 13.66 -7.03 -23.85
CA LEU C 644 12.32 -6.77 -23.32
C LEU C 644 11.71 -8.00 -22.66
N SER C 645 12.00 -9.20 -23.14
CA SER C 645 11.59 -10.40 -22.44
C SER C 645 12.25 -10.49 -21.07
N HIS C 646 13.54 -10.18 -21.00
CA HIS C 646 14.24 -10.19 -19.72
C HIS C 646 13.63 -9.18 -18.76
N ARG C 647 13.30 -7.99 -19.24
CA ARG C 647 12.71 -6.97 -18.38
C ARG C 647 11.32 -7.37 -17.92
N PHE C 648 10.52 -7.96 -18.81
CA PHE C 648 9.18 -8.40 -18.41
C PHE C 648 9.26 -9.49 -17.35
N TYR C 649 10.19 -10.44 -17.50
CA TYR C 649 10.30 -11.49 -16.50
C TYR C 649 10.83 -10.94 -15.18
N ARG C 650 11.70 -9.94 -15.22
CA ARG C 650 12.11 -9.27 -13.99
C ARG C 650 10.91 -8.62 -13.30
N LEU C 651 10.08 -7.91 -14.06
CA LEU C 651 8.89 -7.26 -13.48
C LEU C 651 7.92 -8.29 -12.91
N ALA C 652 7.76 -9.41 -13.61
CA ALA C 652 6.90 -10.47 -13.09
C ALA C 652 7.45 -11.03 -11.79
N ASN C 653 8.77 -11.17 -11.68
CA ASN C 653 9.36 -11.61 -10.43
C ASN C 653 9.06 -10.61 -9.31
N GLU C 654 9.19 -9.31 -9.57
CA GLU C 654 8.88 -8.33 -8.53
C GLU C 654 7.42 -8.41 -8.12
N CYS C 655 6.51 -8.51 -9.10
CA CYS C 655 5.09 -8.56 -8.79
C CYS C 655 4.73 -9.81 -7.98
N ALA C 656 5.34 -10.95 -8.32
CA ALA C 656 5.06 -12.18 -7.59
C ALA C 656 5.77 -12.24 -6.25
N GLN C 657 6.79 -11.42 -6.02
CA GLN C 657 7.54 -11.49 -4.78
C GLN C 657 7.13 -10.46 -3.75
N VAL C 658 6.74 -9.24 -4.15
CA VAL C 658 6.48 -8.22 -3.14
C VAL C 658 5.11 -7.57 -3.27
N LEU C 659 4.36 -7.87 -4.31
CA LEU C 659 3.05 -7.23 -4.51
C LEU C 659 1.90 -8.07 -3.97
N SER C 660 1.72 -9.27 -4.49
CA SER C 660 0.65 -10.18 -4.06
C SER C 660 1.30 -11.55 -3.92
N GLU C 661 1.82 -11.83 -2.72
CA GLU C 661 2.52 -13.06 -2.44
C GLU C 661 1.94 -13.69 -1.18
N MET C 662 2.37 -14.91 -0.91
CA MET C 662 1.99 -15.57 0.33
C MET C 662 2.65 -14.87 1.51
N VAL C 663 1.88 -14.66 2.57
CA VAL C 663 2.35 -14.00 3.78
C VAL C 663 2.21 -14.99 4.93
N MET C 664 3.31 -15.26 5.62
CA MET C 664 3.29 -16.12 6.81
C MET C 664 3.05 -15.23 8.02
N CYS C 665 1.90 -15.39 8.66
CA CYS C 665 1.50 -14.57 9.80
C CYS C 665 1.16 -15.49 10.98
N GLY C 666 2.15 -15.74 11.83
CA GLY C 666 1.93 -16.57 13.00
C GLY C 666 1.66 -18.03 12.70
N GLY C 667 2.42 -18.63 11.80
CA GLY C 667 2.30 -20.05 11.50
C GLY C 667 1.30 -20.42 10.44
N SER C 668 0.67 -19.44 9.79
CA SER C 668 -0.33 -19.70 8.77
C SER C 668 -0.02 -18.84 7.54
N LEU C 669 -0.52 -19.28 6.39
CA LEU C 669 -0.28 -18.60 5.12
C LEU C 669 -1.55 -17.90 4.67
N TYR C 670 -1.42 -16.63 4.28
CA TYR C 670 -2.51 -15.82 3.77
C TYR C 670 -2.09 -15.21 2.44
N VAL C 671 -3.05 -14.62 1.73
CA VAL C 671 -2.82 -14.04 0.42
C VAL C 671 -2.86 -12.52 0.57
N LYS C 672 -1.78 -11.88 0.15
CA LYS C 672 -1.66 -10.42 0.26
C LYS C 672 -2.49 -9.75 -0.84
N PRO C 673 -3.45 -8.89 -0.49
CA PRO C 673 -4.23 -8.20 -1.52
C PRO C 673 -3.41 -7.30 -2.42
N GLY C 674 -2.36 -6.67 -1.90
CA GLY C 674 -1.55 -5.78 -2.68
C GLY C 674 -1.03 -4.64 -1.82
N GLY C 675 -0.49 -3.63 -2.49
CA GLY C 675 0.04 -2.48 -1.80
C GLY C 675 1.56 -2.42 -1.79
N THR C 676 2.17 -2.73 -0.64
CA THR C 676 3.61 -2.58 -0.50
C THR C 676 4.10 -3.41 0.67
N SER C 677 5.21 -4.09 0.48
CA SER C 677 5.97 -4.71 1.55
C SER C 677 7.09 -3.77 1.95
N SER C 678 7.20 -3.49 3.25
CA SER C 678 8.17 -2.52 3.74
C SER C 678 9.58 -3.07 3.79
N GLY C 679 9.76 -4.39 3.84
CA GLY C 679 11.07 -4.98 3.88
C GLY C 679 11.66 -5.19 2.51
N ASP C 680 11.07 -4.54 1.51
CA ASP C 680 11.56 -4.59 0.15
C ASP C 680 12.89 -3.83 0.03
N ALA C 681 13.61 -4.10 -1.05
CA ALA C 681 14.88 -3.42 -1.28
C ALA C 681 14.73 -2.02 -1.84
N THR C 682 13.58 -1.68 -2.41
CA THR C 682 13.40 -0.42 -3.14
C THR C 682 12.19 0.34 -2.62
N THR C 683 11.89 0.19 -1.34
CA THR C 683 10.62 0.75 -0.81
C THR C 683 10.58 2.27 -0.84
N ALA C 684 11.59 2.93 -0.29
CA ALA C 684 11.57 4.39 -0.20
C ALA C 684 11.58 5.04 -1.57
N TYR C 685 12.35 4.48 -2.51
CA TYR C 685 12.44 5.06 -3.85
C TYR C 685 11.15 4.85 -4.62
N ALA C 686 10.51 3.69 -4.45
CA ALA C 686 9.20 3.46 -5.04
C ALA C 686 8.17 4.44 -4.48
N ASN C 687 8.23 4.69 -3.17
CA ASN C 687 7.34 5.68 -2.55
C ASN C 687 7.58 7.07 -3.12
N SER C 688 8.84 7.41 -3.41
CA SER C 688 9.13 8.71 -4.00
C SER C 688 8.56 8.82 -5.41
N VAL C 689 8.68 7.75 -6.21
CA VAL C 689 8.04 7.73 -7.52
C VAL C 689 6.52 7.92 -7.37
N PHE C 690 5.94 7.26 -6.37
CA PHE C 690 4.50 7.36 -6.12
C PHE C 690 4.09 8.80 -5.77
N ASN C 691 4.87 9.46 -4.90
CA ASN C 691 4.64 10.87 -4.52
C ASN C 691 4.70 11.77 -5.75
N ILE C 692 5.69 11.58 -6.64
CA ILE C 692 5.81 12.44 -7.80
C ILE C 692 4.63 12.19 -8.76
N CYS C 693 4.20 10.94 -8.89
CA CYS C 693 3.06 10.64 -9.75
C CYS C 693 1.79 11.32 -9.26
N GLN C 694 1.52 11.22 -7.95
CA GLN C 694 0.30 11.85 -7.43
C GLN C 694 0.34 13.36 -7.56
N ALA C 695 1.50 13.97 -7.30
CA ALA C 695 1.62 15.42 -7.44
C ALA C 695 1.41 15.87 -8.88
N VAL C 696 2.02 15.14 -9.83
CA VAL C 696 1.85 15.49 -11.25
C VAL C 696 0.40 15.31 -11.67
N THR C 697 -0.25 14.26 -11.17
CA THR C 697 -1.66 14.05 -11.50
C THR C 697 -2.52 15.19 -10.99
N ALA C 698 -2.27 15.65 -9.77
CA ALA C 698 -3.02 16.77 -9.23
C ALA C 698 -2.82 18.03 -10.07
N ASN C 699 -1.58 18.27 -10.52
CA ASN C 699 -1.34 19.43 -11.37
C ASN C 699 -2.10 19.34 -12.69
N VAL C 700 -2.09 18.15 -13.30
CA VAL C 700 -2.81 17.96 -14.56
C VAL C 700 -4.30 18.18 -14.38
N ASN C 701 -4.87 17.66 -13.28
CA ASN C 701 -6.34 17.75 -13.02
C ASN C 701 -6.73 19.16 -12.63
N ALA C 702 -5.79 19.94 -12.07
CA ALA C 702 -6.08 21.35 -11.80
C ALA C 702 -6.05 22.16 -13.07
N LEU C 703 -5.05 21.93 -13.93
CA LEU C 703 -4.95 22.70 -15.16
C LEU C 703 -6.11 22.40 -16.11
N LEU C 704 -6.49 21.13 -16.22
CA LEU C 704 -7.45 20.73 -17.26
C LEU C 704 -8.89 21.05 -16.92
N SER C 705 -9.20 21.33 -15.65
CA SER C 705 -10.58 21.52 -15.20
C SER C 705 -10.92 22.98 -14.97
N THR C 706 -10.21 23.91 -15.58
CA THR C 706 -10.46 25.32 -15.44
C THR C 706 -11.01 25.88 -16.74
N ASP C 707 -11.94 26.84 -16.63
CA ASP C 707 -12.51 27.51 -17.80
C ASP C 707 -11.41 28.18 -18.62
N GLY C 708 -11.19 27.67 -19.83
CA GLY C 708 -10.13 28.21 -20.67
C GLY C 708 -10.35 29.67 -21.03
N ASN C 709 -11.60 30.10 -21.17
CA ASN C 709 -11.87 31.50 -21.46
C ASN C 709 -11.53 32.38 -20.26
N LYS C 710 -11.58 31.81 -19.07
CA LYS C 710 -11.28 32.60 -17.84
C LYS C 710 -9.78 32.90 -17.78
N ILE C 711 -8.93 31.95 -18.21
CA ILE C 711 -7.48 32.14 -18.15
C ILE C 711 -7.06 33.31 -19.03
N ALA C 712 -6.17 34.15 -18.49
CA ALA C 712 -5.80 35.41 -19.14
C ALA C 712 -4.45 35.37 -19.83
N ASP C 713 -3.63 34.33 -19.59
CA ASP C 713 -2.31 34.25 -20.17
C ASP C 713 -2.34 33.34 -21.39
N LYS C 714 -1.77 33.81 -22.50
CA LYS C 714 -1.78 33.04 -23.74
C LYS C 714 -0.93 31.78 -23.63
N TYR C 715 0.22 31.87 -22.95
CA TYR C 715 1.09 30.71 -22.82
C TYR C 715 0.40 29.60 -22.04
N VAL C 716 -0.28 29.96 -20.93
CA VAL C 716 -0.93 28.95 -20.12
C VAL C 716 -2.12 28.33 -20.86
N ARG C 717 -2.86 29.15 -21.63
CA ARG C 717 -3.97 28.60 -22.40
C ARG C 717 -3.49 27.64 -23.48
N ASN C 718 -2.41 27.99 -24.18
CA ASN C 718 -1.85 27.06 -25.15
C ASN C 718 -1.34 25.80 -24.47
N LEU C 719 -0.75 25.94 -23.28
CA LEU C 719 -0.29 24.79 -22.53
C LEU C 719 -1.45 23.85 -22.18
N GLN C 720 -2.58 24.42 -21.78
CA GLN C 720 -3.76 23.60 -21.45
C GLN C 720 -4.29 22.89 -22.68
N HIS C 721 -4.41 23.61 -23.80
CA HIS C 721 -4.91 23.00 -25.02
C HIS C 721 -4.01 21.86 -25.49
N ARG C 722 -2.70 22.09 -25.47
CA ARG C 722 -1.77 21.04 -25.88
C ARG C 722 -1.74 19.88 -24.89
N LEU C 723 -1.98 20.16 -23.61
CA LEU C 723 -2.06 19.07 -22.63
C LEU C 723 -3.26 18.17 -22.93
N TYR C 724 -4.42 18.78 -23.19
CA TYR C 724 -5.57 17.96 -23.55
C TYR C 724 -5.32 17.17 -24.82
N GLU C 725 -4.75 17.82 -25.84
CA GLU C 725 -4.50 17.12 -27.10
C GLU C 725 -3.53 15.96 -26.92
N CYS C 726 -2.46 16.17 -26.14
CA CYS C 726 -1.50 15.10 -25.90
C CYS C 726 -2.07 14.02 -25.01
N LEU C 727 -3.11 14.32 -24.24
CA LEU C 727 -3.74 13.30 -23.41
C LEU C 727 -4.68 12.42 -24.20
N TYR C 728 -5.68 13.02 -24.86
CA TYR C 728 -6.78 12.25 -25.43
C TYR C 728 -6.87 12.31 -26.96
N ARG C 729 -5.86 12.86 -27.63
CA ARG C 729 -5.91 12.96 -29.08
C ARG C 729 -4.62 12.58 -29.78
N ASN C 730 -3.58 12.17 -29.04
CA ASN C 730 -2.27 11.88 -29.63
C ASN C 730 -1.72 10.62 -28.97
N ARG C 731 -1.81 9.50 -29.69
CA ARG C 731 -1.32 8.18 -29.19
C ARG C 731 0.20 8.16 -29.07
N ASP C 732 0.90 8.86 -29.97
CA ASP C 732 2.35 8.94 -29.89
C ASP C 732 2.77 9.96 -28.83
N VAL C 733 4.03 9.88 -28.43
CA VAL C 733 4.57 10.71 -27.35
C VAL C 733 5.12 12.01 -27.94
N ASP C 734 4.64 13.14 -27.42
CA ASP C 734 5.11 14.46 -27.82
C ASP C 734 6.22 14.86 -26.86
N THR C 735 7.47 14.57 -27.22
CA THR C 735 8.58 14.78 -26.30
C THR C 735 8.77 16.26 -26.00
N ASP C 736 8.61 17.12 -27.01
CA ASP C 736 8.80 18.55 -26.80
C ASP C 736 7.82 19.09 -25.78
N PHE C 737 6.55 18.68 -25.87
CA PHE C 737 5.58 19.12 -24.88
C PHE C 737 5.85 18.52 -23.51
N VAL C 738 6.42 17.31 -23.45
CA VAL C 738 6.81 16.74 -22.17
C VAL C 738 7.88 17.62 -21.52
N ASN C 739 8.87 18.04 -22.30
CA ASN C 739 9.89 18.96 -21.77
C ASN C 739 9.27 20.27 -21.33
N GLU C 740 8.34 20.81 -22.12
CA GLU C 740 7.70 22.07 -21.77
C GLU C 740 6.93 21.96 -20.46
N PHE C 741 6.17 20.88 -20.28
CA PHE C 741 5.40 20.70 -19.05
C PHE C 741 6.33 20.50 -17.85
N TYR C 742 7.43 19.76 -18.05
CA TYR C 742 8.40 19.60 -16.97
C TYR C 742 8.99 20.95 -16.56
N ALA C 743 9.29 21.81 -17.54
CA ALA C 743 9.81 23.13 -17.22
C ALA C 743 8.78 23.97 -16.47
N TYR C 744 7.52 23.89 -16.90
CA TYR C 744 6.45 24.62 -16.21
C TYR C 744 6.34 24.19 -14.75
N LEU C 745 6.37 22.87 -14.52
CA LEU C 745 6.28 22.38 -13.15
C LEU C 745 7.48 22.79 -12.33
N ARG C 746 8.68 22.73 -12.90
CA ARG C 746 9.87 23.11 -12.15
C ARG C 746 9.87 24.59 -11.81
N LYS C 747 9.31 25.42 -12.70
CA LYS C 747 9.28 26.85 -12.42
C LYS C 747 8.22 27.22 -11.38
N HIS C 748 7.03 26.61 -11.45
CA HIS C 748 5.92 27.08 -10.64
C HIS C 748 5.52 26.16 -9.50
N PHE C 749 6.02 24.92 -9.47
CA PHE C 749 5.62 23.93 -8.45
C PHE C 749 6.87 23.13 -8.10
N SER C 750 7.63 23.60 -7.12
CA SER C 750 8.91 22.99 -6.77
C SER C 750 8.73 22.05 -5.59
N MET C 751 9.24 20.83 -5.71
CA MET C 751 9.05 19.81 -4.70
C MET C 751 10.36 19.40 -4.06
N MET C 752 10.30 19.06 -2.78
CA MET C 752 11.34 18.33 -2.08
C MET C 752 10.67 17.11 -1.47
N ILE C 753 11.12 15.92 -1.86
CA ILE C 753 10.37 14.69 -1.63
C ILE C 753 11.28 13.63 -1.06
N LEU C 754 10.77 12.95 -0.04
CA LEU C 754 11.50 11.85 0.60
C LEU C 754 10.41 10.83 0.90
N SER C 755 10.47 9.69 0.25
CA SER C 755 9.50 8.61 0.45
C SER C 755 8.10 9.20 0.29
N ASP C 756 7.21 9.09 1.27
CA ASP C 756 5.87 9.64 1.14
C ASP C 756 5.74 11.03 1.75
N ASP C 757 6.85 11.65 2.11
CA ASP C 757 6.87 12.99 2.70
C ASP C 757 7.26 14.00 1.63
N ALA C 758 6.60 15.15 1.64
CA ALA C 758 6.79 16.13 0.58
C ALA C 758 6.59 17.54 1.10
N VAL C 759 7.44 18.46 0.65
CA VAL C 759 7.28 19.89 0.90
C VAL C 759 7.32 20.60 -0.45
N VAL C 760 6.32 21.43 -0.71
CA VAL C 760 6.15 22.09 -2.00
C VAL C 760 6.22 23.59 -1.81
N CYS C 761 7.00 24.26 -2.64
CA CYS C 761 6.98 25.71 -2.78
C CYS C 761 6.32 26.05 -4.10
N PHE C 762 5.23 26.80 -4.05
CA PHE C 762 4.42 27.01 -5.24
C PHE C 762 4.02 28.46 -5.38
N ASN C 763 3.64 28.81 -6.61
CA ASN C 763 3.23 30.17 -6.96
C ASN C 763 1.82 30.42 -6.43
N SER C 764 1.70 31.39 -5.52
CA SER C 764 0.39 31.68 -4.91
C SER C 764 -0.62 32.15 -5.94
N THR C 765 -0.21 33.06 -6.82
CA THR C 765 -1.16 33.63 -7.78
C THR C 765 -1.69 32.58 -8.74
N TYR C 766 -0.80 31.71 -9.22
CA TYR C 766 -1.24 30.65 -10.14
C TYR C 766 -2.20 29.68 -9.46
N ALA C 767 -1.90 29.28 -8.22
CA ALA C 767 -2.77 28.36 -7.50
C ALA C 767 -4.14 29.00 -7.23
N SER C 768 -4.15 30.28 -6.87
CA SER C 768 -5.42 30.98 -6.68
C SER C 768 -6.21 31.03 -7.98
N GLN C 769 -5.55 31.32 -9.10
CA GLN C 769 -6.23 31.29 -10.39
C GLN C 769 -6.54 29.87 -10.84
N GLY C 770 -5.83 28.88 -10.33
CA GLY C 770 -6.08 27.50 -10.68
C GLY C 770 -5.12 26.87 -11.66
N LEU C 771 -4.03 27.56 -12.01
CA LEU C 771 -3.09 27.05 -13.00
C LEU C 771 -2.13 25.99 -12.42
N VAL C 772 -2.05 25.87 -11.10
CA VAL C 772 -1.26 24.82 -10.45
C VAL C 772 -2.10 24.23 -9.31
N ALA C 773 -1.70 23.06 -8.85
CA ALA C 773 -2.47 22.34 -7.84
C ALA C 773 -2.46 23.04 -6.50
N SER C 774 -3.59 22.96 -5.79
CA SER C 774 -3.71 23.29 -4.38
C SER C 774 -3.84 21.98 -3.60
N ILE C 775 -4.07 22.11 -2.28
CA ILE C 775 -4.17 20.91 -1.47
C ILE C 775 -5.48 20.18 -1.72
N LYS C 776 -6.52 20.90 -2.18
CA LYS C 776 -7.79 20.25 -2.45
C LYS C 776 -7.73 19.38 -3.69
N ASN C 777 -6.92 19.76 -4.69
CA ASN C 777 -6.71 18.89 -5.84
C ASN C 777 -6.05 17.59 -5.42
N PHE C 778 -5.07 17.68 -4.51
CA PHE C 778 -4.44 16.49 -3.96
C PHE C 778 -5.46 15.62 -3.23
N LYS C 779 -6.35 16.25 -2.45
CA LYS C 779 -7.37 15.48 -1.74
C LYS C 779 -8.30 14.76 -2.70
N SER C 780 -8.74 15.44 -3.77
CA SER C 780 -9.62 14.79 -4.76
C SER C 780 -8.91 13.64 -5.47
N VAL C 781 -7.64 13.84 -5.83
CA VAL C 781 -6.88 12.79 -6.50
C VAL C 781 -6.76 11.57 -5.60
N LEU C 782 -6.47 11.79 -4.31
CA LEU C 782 -6.43 10.66 -3.39
C LEU C 782 -7.79 10.02 -3.22
N TYR C 783 -8.86 10.81 -3.32
CA TYR C 783 -10.20 10.26 -3.17
C TYR C 783 -10.53 9.27 -4.28
N TYR C 784 -10.23 9.63 -5.53
CA TYR C 784 -10.59 8.76 -6.64
C TYR C 784 -9.46 7.85 -7.14
N GLN C 785 -8.26 7.95 -6.58
CA GLN C 785 -7.18 7.08 -7.01
C GLN C 785 -6.58 6.24 -5.89
N ASN C 786 -6.38 6.81 -4.70
CA ASN C 786 -5.74 6.11 -3.61
C ASN C 786 -6.74 5.43 -2.67
N ASN C 787 -8.03 5.64 -2.87
CA ASN C 787 -9.08 5.04 -2.04
C ASN C 787 -8.96 5.44 -0.57
N VAL C 788 -8.51 6.67 -0.33
CA VAL C 788 -8.38 7.20 1.02
C VAL C 788 -8.96 8.61 1.04
N PHE C 789 -9.27 9.10 2.24
CA PHE C 789 -9.70 10.48 2.42
C PHE C 789 -8.64 11.26 3.18
N MET C 790 -8.38 12.47 2.72
CA MET C 790 -7.32 13.31 3.28
C MET C 790 -7.94 14.37 4.17
N SER C 791 -7.70 14.26 5.47
CA SER C 791 -8.22 15.22 6.44
C SER C 791 -7.27 16.39 6.58
N GLU C 792 -7.85 17.59 6.78
CA GLU C 792 -7.06 18.79 6.95
C GLU C 792 -6.13 18.71 8.16
N ALA C 793 -6.41 17.81 9.10
CA ALA C 793 -5.57 17.66 10.27
C ALA C 793 -4.22 17.03 9.95
N LYS C 794 -3.99 16.55 8.74
CA LYS C 794 -2.64 16.03 8.37
C LYS C 794 -2.03 16.84 7.21
N CYS C 795 -2.66 17.95 6.79
CA CYS C 795 -2.12 18.80 5.75
C CYS C 795 -1.76 20.15 6.35
N TRP C 796 -0.70 20.78 5.84
CA TRP C 796 -0.33 22.08 6.36
C TRP C 796 -0.01 23.04 5.23
N THR C 797 -0.27 24.32 5.47
CA THR C 797 0.06 25.42 4.57
C THR C 797 0.78 26.51 5.34
N GLU C 798 1.81 27.08 4.73
CA GLU C 798 2.57 28.18 5.30
C GLU C 798 2.66 29.31 4.30
N THR C 799 2.49 30.54 4.80
CA THR C 799 2.56 31.72 3.96
C THR C 799 3.90 32.43 4.09
N ASP C 800 4.38 32.63 5.32
CA ASP C 800 5.65 33.30 5.53
C ASP C 800 6.79 32.31 5.35
N LEU C 801 7.75 32.67 4.48
CA LEU C 801 8.86 31.77 4.18
C LEU C 801 9.91 31.77 5.27
N THR C 802 10.07 32.87 5.99
CA THR C 802 11.06 32.94 7.06
C THR C 802 10.82 31.86 8.11
N LYS C 803 9.56 31.51 8.36
CA LYS C 803 9.23 30.28 9.06
C LYS C 803 9.16 29.16 8.03
N GLY C 804 9.94 28.11 8.21
CA GLY C 804 10.09 27.09 7.21
C GLY C 804 8.86 26.22 7.05
N PRO C 805 9.06 24.99 6.60
CA PRO C 805 7.95 24.03 6.62
C PRO C 805 7.48 23.79 8.04
N HIS C 806 6.17 23.61 8.19
CA HIS C 806 5.61 23.29 9.50
C HIS C 806 6.14 21.95 10.00
N GLU C 807 6.23 20.96 9.12
CA GLU C 807 6.77 19.67 9.47
C GLU C 807 7.40 19.05 8.24
N PHE C 808 8.47 18.29 8.45
CA PHE C 808 9.09 17.51 7.39
C PHE C 808 9.97 16.48 8.08
N CYS C 809 9.61 15.20 7.94
CA CYS C 809 10.32 14.10 8.60
C CYS C 809 10.38 14.32 10.12
N SER C 810 9.26 14.75 10.70
CA SER C 810 9.11 14.91 12.15
C SER C 810 10.03 15.98 12.72
N GLN C 811 10.35 17.00 11.94
CA GLN C 811 11.19 18.11 12.40
C GLN C 811 10.50 19.43 12.11
N HIS C 812 10.59 20.35 13.07
CA HIS C 812 10.16 21.73 12.89
C HIS C 812 11.36 22.57 12.49
N THR C 813 11.08 23.74 11.94
CA THR C 813 12.11 24.60 11.36
C THR C 813 12.10 25.96 12.03
N MET C 814 13.29 26.53 12.24
CA MET C 814 13.36 27.90 12.71
C MET C 814 14.59 28.60 12.15
N LEU C 815 14.49 29.92 11.98
CA LEU C 815 15.54 30.72 11.36
C LEU C 815 16.36 31.41 12.45
N VAL C 816 17.47 30.77 12.85
CA VAL C 816 18.34 31.30 13.90
C VAL C 816 19.43 32.16 13.29
N LYS C 817 20.14 32.90 14.14
CA LYS C 817 21.27 33.75 13.69
C LYS C 817 22.59 33.08 14.05
N GLN C 818 23.35 32.65 13.06
CA GLN C 818 24.63 31.98 13.24
C GLN C 818 25.72 32.85 12.64
N GLY C 819 26.68 33.24 13.47
CA GLY C 819 27.63 34.25 13.05
C GLY C 819 26.88 35.51 12.69
N ASP C 820 27.20 36.08 11.53
CA ASP C 820 26.47 37.22 11.01
C ASP C 820 25.47 36.83 9.93
N ASP C 821 25.20 35.54 9.78
CA ASP C 821 24.23 35.03 8.83
C ASP C 821 22.99 34.51 9.55
N TYR C 822 21.94 34.29 8.78
CA TYR C 822 20.72 33.66 9.27
C TYR C 822 20.57 32.31 8.60
N VAL C 823 20.36 31.27 9.41
CA VAL C 823 20.39 29.89 8.93
C VAL C 823 19.17 29.15 9.47
N TYR C 824 18.62 28.27 8.64
CA TYR C 824 17.51 27.41 9.07
C TYR C 824 18.04 26.23 9.86
N LEU C 825 17.36 25.92 10.96
CA LEU C 825 17.76 24.87 11.88
C LEU C 825 16.57 23.95 12.13
N PRO C 826 16.78 22.62 12.09
CA PRO C 826 15.70 21.70 12.44
C PRO C 826 15.70 21.32 13.91
N TYR C 827 14.56 21.41 14.57
CA TYR C 827 14.47 20.98 15.95
C TYR C 827 13.33 19.99 16.12
N PRO C 828 13.46 19.05 17.05
CA PRO C 828 12.41 18.06 17.25
C PRO C 828 11.31 18.54 18.19
N ASP C 829 10.39 17.64 18.52
CA ASP C 829 9.39 17.92 19.52
C ASP C 829 9.96 17.58 20.90
N PRO C 830 9.94 18.51 21.86
CA PRO C 830 10.58 18.23 23.15
C PRO C 830 10.03 17.01 23.85
N SER C 831 8.74 16.74 23.68
CA SER C 831 8.14 15.56 24.29
C SER C 831 8.79 14.28 23.79
N ARG C 832 9.14 14.23 22.50
CA ARG C 832 9.72 13.02 21.94
C ARG C 832 11.10 12.75 22.52
N ILE C 833 11.96 13.78 22.61
CA ILE C 833 13.28 13.60 23.18
C ILE C 833 13.19 13.26 24.67
N LEU C 834 12.30 13.94 25.39
CA LEU C 834 12.11 13.63 26.80
C LEU C 834 11.67 12.18 27.00
N GLY C 835 10.70 11.73 26.20
CA GLY C 835 10.25 10.35 26.32
C GLY C 835 11.32 9.35 25.94
N ALA C 836 12.12 9.68 24.92
CA ALA C 836 13.21 8.81 24.53
C ALA C 836 14.21 8.63 25.66
N GLY C 837 14.52 9.73 26.36
CA GLY C 837 15.37 9.61 27.53
C GLY C 837 14.72 8.83 28.66
N CYS C 838 13.42 9.05 28.87
CA CYS C 838 12.72 8.48 30.01
C CYS C 838 12.45 6.98 29.83
N PHE C 839 12.05 6.56 28.64
CA PHE C 839 11.62 5.18 28.41
C PHE C 839 12.53 4.52 27.38
N VAL C 840 12.91 3.28 27.68
CA VAL C 840 13.71 2.44 26.78
C VAL C 840 12.99 1.11 26.58
N ASP C 841 13.61 0.20 25.84
CA ASP C 841 13.01 -1.10 25.57
C ASP C 841 13.68 -2.27 26.25
N ASP C 842 14.93 -2.14 26.69
CA ASP C 842 15.64 -3.22 27.37
C ASP C 842 16.12 -2.75 28.74
N ILE C 843 16.13 -3.69 29.69
CA ILE C 843 16.42 -3.34 31.08
C ILE C 843 17.87 -2.90 31.23
N VAL C 844 18.79 -3.56 30.52
CA VAL C 844 20.21 -3.20 30.63
C VAL C 844 20.46 -1.77 30.15
N LYS C 845 19.58 -1.25 29.29
CA LYS C 845 19.71 0.13 28.83
C LYS C 845 19.57 1.12 29.97
N THR C 846 19.16 0.60 31.13
CA THR C 846 19.00 1.46 32.33
C THR C 846 20.04 1.10 33.36
N ASP C 847 20.71 -0.05 33.21
CA ASP C 847 21.65 -0.53 34.21
C ASP C 847 23.11 -0.45 33.79
N GLY C 848 23.38 -0.49 32.48
CA GLY C 848 24.76 -0.56 32.03
C GLY C 848 25.58 0.66 32.43
N THR C 849 24.99 1.85 32.33
CA THR C 849 25.62 3.13 32.62
C THR C 849 26.76 3.41 31.63
N LEU C 850 27.00 2.46 30.72
CA LEU C 850 27.90 2.63 29.60
C LEU C 850 27.16 3.11 28.36
N MET C 851 26.06 3.84 28.54
CA MET C 851 25.25 4.36 27.45
C MET C 851 25.31 5.89 27.41
N ILE C 852 26.51 6.45 27.63
CA ILE C 852 26.68 7.89 27.51
C ILE C 852 26.50 8.33 26.07
N GLU C 853 26.82 7.45 25.11
CA GLU C 853 26.63 7.79 23.71
C GLU C 853 25.15 7.96 23.36
N ARG C 854 24.27 7.24 24.05
CA ARG C 854 22.84 7.42 23.83
C ARG C 854 22.39 8.83 24.19
N PHE C 855 22.80 9.30 25.37
CA PHE C 855 22.44 10.66 25.76
C PHE C 855 23.16 11.70 24.93
N VAL C 856 24.37 11.39 24.46
CA VAL C 856 25.06 12.33 23.58
C VAL C 856 24.32 12.47 22.26
N SER C 857 23.83 11.35 21.71
CA SER C 857 23.04 11.43 20.48
C SER C 857 21.73 12.18 20.71
N LEU C 858 21.06 11.91 21.84
CA LEU C 858 19.82 12.62 22.14
C LEU C 858 20.08 14.12 22.30
N ALA C 859 21.22 14.49 22.87
CA ALA C 859 21.55 15.91 23.01
C ALA C 859 21.92 16.53 21.67
N ILE C 860 22.59 15.77 20.79
CA ILE C 860 22.85 16.27 19.44
C ILE C 860 21.53 16.58 18.74
N ASP C 861 20.53 15.72 18.94
CA ASP C 861 19.21 15.98 18.38
C ASP C 861 18.55 17.19 19.05
N ALA C 862 18.68 17.33 20.37
CA ALA C 862 17.94 18.34 21.11
C ALA C 862 18.64 19.70 21.15
N TYR C 863 19.86 19.81 20.64
CA TYR C 863 20.59 21.07 20.75
C TYR C 863 19.88 22.28 20.16
N PRO C 864 19.25 22.21 18.98
CA PRO C 864 18.64 23.43 18.43
C PRO C 864 17.58 24.05 19.31
N LEU C 865 17.00 23.29 20.24
CA LEU C 865 15.96 23.82 21.12
C LEU C 865 16.47 24.97 21.98
N THR C 866 17.80 25.11 22.15
CA THR C 866 18.34 26.22 22.91
C THR C 866 18.08 27.56 22.27
N LYS C 867 17.73 27.59 20.98
CA LYS C 867 17.42 28.84 20.30
C LYS C 867 15.94 29.18 20.32
N HIS C 868 15.10 28.33 20.90
CA HIS C 868 13.67 28.60 20.96
C HIS C 868 13.39 29.73 21.95
N PRO C 869 12.47 30.64 21.62
CA PRO C 869 12.08 31.67 22.60
C PRO C 869 11.52 31.10 23.90
N ASN C 870 10.77 30.01 23.82
CA ASN C 870 10.21 29.42 25.04
C ASN C 870 11.32 28.80 25.88
N GLN C 871 11.31 29.11 27.17
CA GLN C 871 12.41 28.69 28.04
C GLN C 871 12.32 27.21 28.40
N GLU C 872 11.09 26.69 28.60
CA GLU C 872 10.95 25.29 28.95
C GLU C 872 11.41 24.39 27.81
N TYR C 873 11.27 24.87 26.57
CA TYR C 873 11.83 24.10 25.43
C TYR C 873 13.34 24.16 25.56
N ALA C 874 13.89 25.36 25.67
CA ALA C 874 15.35 25.53 25.67
C ALA C 874 16.02 24.83 26.83
N ASP C 875 15.27 24.45 27.87
CA ASP C 875 15.87 23.84 29.05
C ASP C 875 16.12 22.35 28.92
N VAL C 876 15.58 21.70 27.88
CA VAL C 876 15.75 20.25 27.74
C VAL C 876 17.20 19.89 27.43
N PHE C 877 17.83 20.64 26.53
CA PHE C 877 19.24 20.37 26.24
C PHE C 877 20.11 20.64 27.45
N HIS C 878 19.82 21.70 28.20
CA HIS C 878 20.57 21.95 29.42
C HIS C 878 20.42 20.79 30.39
N LEU C 879 19.20 20.28 30.56
CA LEU C 879 18.99 19.12 31.43
C LEU C 879 19.79 17.91 30.95
N TYR C 880 19.82 17.68 29.65
CA TYR C 880 20.60 16.57 29.12
C TYR C 880 22.09 16.76 29.40
N LEU C 881 22.57 18.00 29.30
CA LEU C 881 23.99 18.28 29.60
C LEU C 881 24.29 18.00 31.08
N GLN C 882 23.40 18.37 32.00
CA GLN C 882 23.66 18.18 33.45
C GLN C 882 23.54 16.69 33.77
N TYR C 883 22.71 15.93 33.04
CA TYR C 883 22.65 14.49 33.27
C TYR C 883 23.88 13.79 32.72
N ILE C 884 24.39 14.23 31.57
CA ILE C 884 25.62 13.68 31.03
C ILE C 884 26.77 13.93 32.00
N ARG C 885 26.77 15.10 32.64
CA ARG C 885 27.80 15.42 33.66
C ARG C 885 27.64 14.44 34.84
N LYS C 886 26.41 14.26 35.31
CA LYS C 886 26.20 13.30 36.39
C LYS C 886 26.81 11.96 36.03
N LEU C 887 26.51 11.47 34.82
CA LEU C 887 27.00 10.16 34.40
C LEU C 887 28.52 10.12 34.34
N HIS C 888 29.13 11.16 33.76
CA HIS C 888 30.58 11.19 33.65
C HIS C 888 31.25 11.28 35.02
N ASP C 889 30.71 12.11 35.91
CA ASP C 889 31.27 12.20 37.26
C ASP C 889 31.13 10.88 38.00
N GLU C 890 30.06 10.13 37.72
CA GLU C 890 29.97 8.78 38.26
C GLU C 890 31.07 7.89 37.69
N LEU C 891 31.31 7.96 36.38
CA LEU C 891 32.35 7.15 35.77
C LEU C 891 33.74 7.68 36.09
N THR C 892 33.92 9.00 36.04
CA THR C 892 35.23 9.61 36.27
C THR C 892 35.25 10.30 37.62
N THR C 908 34.49 13.96 27.23
CA THR C 908 35.21 14.62 28.33
C THR C 908 34.43 15.86 28.72
N SER C 909 35.10 16.98 28.95
CA SER C 909 34.35 18.22 29.23
C SER C 909 33.49 18.58 28.01
N ARG C 910 34.03 18.36 26.80
CA ARG C 910 33.33 18.76 25.56
C ARG C 910 31.87 18.29 25.62
N TYR C 911 31.58 17.18 26.30
CA TYR C 911 30.21 16.63 26.30
C TYR C 911 29.27 17.46 27.19
N TRP C 912 29.78 18.47 27.91
CA TRP C 912 28.88 19.39 28.65
C TRP C 912 29.12 20.83 28.15
N GLU C 913 30.02 20.97 27.18
CA GLU C 913 30.23 22.31 26.59
C GLU C 913 29.27 22.45 25.42
N PRO C 914 28.63 23.62 25.21
CA PRO C 914 27.81 23.82 24.03
C PRO C 914 28.55 24.04 22.68
N GLU C 915 29.89 24.02 22.66
CA GLU C 915 30.63 24.16 21.41
C GLU C 915 30.62 22.86 20.60
N PHE C 916 30.70 21.72 21.28
CA PHE C 916 30.72 20.44 20.58
C PHE C 916 29.45 20.22 19.79
N TYR C 917 28.31 20.63 20.33
CA TYR C 917 27.04 20.52 19.62
C TYR C 917 26.78 21.68 18.68
N GLU C 918 27.37 22.84 18.96
CA GLU C 918 27.20 24.02 18.06
C GLU C 918 27.94 23.75 16.74
N ALA C 919 29.07 23.04 16.82
CA ALA C 919 29.81 22.69 15.61
C ALA C 919 29.06 21.69 14.73
N MET C 920 27.98 21.10 15.23
CA MET C 920 27.27 20.04 14.45
C MET C 920 26.27 20.65 13.46
N TYR C 921 26.02 21.95 13.53
CA TYR C 921 25.13 22.62 12.59
C TYR C 921 25.80 23.78 11.89
N THR C 922 27.13 23.79 11.81
CA THR C 922 27.86 24.84 11.12
C THR C 922 28.25 24.38 9.73
N PRO C 923 28.14 25.27 8.74
CA PRO C 923 28.35 24.84 7.35
C PRO C 923 29.73 24.25 7.08
N HIS C 924 30.77 24.81 7.67
CA HIS C 924 32.12 24.33 7.38
C HIS C 924 32.36 23.00 8.07
N THR C 925 32.87 22.04 7.32
CA THR C 925 33.10 20.70 7.84
C THR C 925 34.60 20.39 7.85
N ASP D 78 32.01 -25.77 5.57
CA ASP D 78 31.26 -26.82 6.31
C ASP D 78 29.83 -26.34 6.54
N LYS D 79 29.63 -25.03 6.64
CA LYS D 79 28.24 -24.52 6.78
C LYS D 79 27.49 -24.85 5.48
N ARG D 80 28.11 -24.56 4.33
CA ARG D 80 27.40 -24.79 3.04
C ARG D 80 26.85 -26.22 3.05
N ALA D 81 27.69 -27.21 3.37
CA ALA D 81 27.24 -28.61 3.44
C ALA D 81 26.11 -28.75 4.47
N LYS D 82 26.23 -28.10 5.63
CA LYS D 82 25.21 -28.20 6.71
C LYS D 82 23.86 -27.66 6.21
N VAL D 83 23.85 -26.51 5.51
CA VAL D 83 22.56 -25.94 5.04
C VAL D 83 22.06 -26.72 3.82
N THR D 84 22.97 -27.31 3.04
CA THR D 84 22.54 -28.16 1.90
C THR D 84 21.75 -29.35 2.46
N SER D 85 22.32 -30.02 3.48
CA SER D 85 21.62 -31.17 4.12
C SER D 85 20.31 -30.71 4.74
N ALA D 86 20.30 -29.55 5.40
CA ALA D 86 19.08 -29.01 6.03
C ALA D 86 17.98 -28.86 4.97
N MET D 87 18.31 -28.26 3.83
CA MET D 87 17.31 -28.06 2.74
C MET D 87 16.83 -29.43 2.25
N GLN D 88 17.75 -30.34 1.94
CA GLN D 88 17.38 -31.70 1.44
C GLN D 88 16.42 -32.37 2.42
N THR D 89 16.73 -32.36 3.71
CA THR D 89 15.88 -33.03 4.73
C THR D 89 14.49 -32.39 4.73
N MET D 90 14.42 -31.06 4.89
CA MET D 90 13.13 -30.37 4.92
C MET D 90 12.29 -30.72 3.71
N LEU D 91 12.91 -30.77 2.52
CA LEU D 91 12.17 -31.14 1.31
C LEU D 91 11.61 -32.56 1.43
N PHE D 92 12.44 -33.52 1.84
CA PHE D 92 11.97 -34.90 1.86
C PHE D 92 10.93 -35.14 2.97
N THR D 93 11.07 -34.47 4.11
CA THR D 93 10.08 -34.59 5.16
C THR D 93 8.75 -33.97 4.74
N MET D 94 8.80 -32.80 4.10
CA MET D 94 7.56 -32.20 3.55
C MET D 94 6.93 -33.22 2.60
N LEU D 95 7.76 -33.87 1.77
CA LEU D 95 7.24 -34.89 0.87
C LEU D 95 6.55 -36.02 1.63
N ARG D 96 7.14 -36.47 2.74
CA ARG D 96 6.62 -37.64 3.45
C ARG D 96 5.23 -37.41 4.02
N LYS D 97 4.82 -36.16 4.22
CA LYS D 97 3.51 -35.84 4.76
C LYS D 97 2.46 -35.64 3.68
N LEU D 98 2.82 -35.83 2.41
CA LEU D 98 1.97 -35.45 1.28
C LEU D 98 1.10 -36.64 0.89
N ASP D 99 -0.21 -36.47 0.98
CA ASP D 99 -1.18 -37.51 0.62
C ASP D 99 -1.23 -37.60 -0.90
N ASN D 100 -0.45 -38.52 -1.46
CA ASN D 100 -0.15 -38.51 -2.89
C ASN D 100 -1.30 -38.99 -3.77
N ASP D 101 -2.17 -39.85 -3.26
CA ASP D 101 -3.21 -40.43 -4.12
C ASP D 101 -4.20 -39.36 -4.58
N ALA D 102 -4.71 -38.55 -3.66
CA ALA D 102 -5.61 -37.47 -4.04
C ALA D 102 -4.93 -36.43 -4.92
N LEU D 103 -3.65 -36.14 -4.65
CA LEU D 103 -2.91 -35.21 -5.49
C LEU D 103 -2.78 -35.74 -6.91
N ASN D 104 -2.51 -37.04 -7.06
CA ASN D 104 -2.49 -37.65 -8.39
C ASN D 104 -3.85 -37.57 -9.05
N ASN D 105 -4.91 -37.83 -8.29
CA ASN D 105 -6.26 -37.80 -8.84
C ASN D 105 -6.61 -36.40 -9.33
N ILE D 106 -6.21 -35.37 -8.61
CA ILE D 106 -6.58 -34.02 -9.03
C ILE D 106 -5.65 -33.50 -10.13
N ILE D 107 -4.38 -33.90 -10.13
CA ILE D 107 -3.45 -33.46 -11.17
C ILE D 107 -3.79 -34.10 -12.50
N ASN D 108 -4.15 -35.38 -12.50
CA ASN D 108 -4.36 -36.11 -13.75
C ASN D 108 -5.57 -35.62 -14.54
N ASN D 109 -6.42 -34.77 -13.97
CA ASN D 109 -7.57 -34.24 -14.68
C ASN D 109 -7.28 -32.92 -15.40
N ALA D 110 -6.19 -32.24 -15.05
CA ALA D 110 -5.91 -30.96 -15.66
C ALA D 110 -5.55 -31.12 -17.14
N ARG D 111 -5.75 -30.04 -17.91
CA ARG D 111 -5.49 -30.09 -19.37
C ARG D 111 -4.03 -30.54 -19.63
N ASP D 112 -3.07 -29.93 -18.93
CA ASP D 112 -1.66 -30.25 -19.14
C ASP D 112 -0.95 -30.51 -17.82
N GLY D 113 -1.64 -31.09 -16.85
CA GLY D 113 -1.01 -31.44 -15.59
C GLY D 113 -0.61 -30.27 -14.74
N CYS D 114 -1.20 -29.10 -14.96
CA CYS D 114 -0.88 -27.89 -14.20
C CYS D 114 -2.12 -27.43 -13.47
N VAL D 115 -2.04 -27.34 -12.14
CA VAL D 115 -3.17 -26.93 -11.32
C VAL D 115 -2.79 -25.69 -10.51
N PRO D 116 -3.75 -24.83 -10.17
CA PRO D 116 -3.45 -23.75 -9.23
C PRO D 116 -3.12 -24.30 -7.85
N LEU D 117 -2.28 -23.56 -7.12
CA LEU D 117 -1.82 -24.03 -5.82
C LEU D 117 -2.89 -23.90 -4.75
N ASN D 118 -3.77 -22.90 -4.85
CA ASN D 118 -4.72 -22.62 -3.79
C ASN D 118 -5.71 -23.76 -3.59
N ILE D 119 -6.04 -24.49 -4.66
CA ILE D 119 -7.04 -25.54 -4.55
C ILE D 119 -6.49 -26.86 -4.04
N ILE D 120 -5.16 -27.00 -3.95
CA ILE D 120 -4.60 -28.26 -3.47
C ILE D 120 -4.98 -28.54 -2.01
N PRO D 121 -4.81 -27.61 -1.06
CA PRO D 121 -5.31 -27.89 0.30
C PRO D 121 -6.83 -27.92 0.38
N LEU D 122 -7.53 -27.24 -0.53
CA LEU D 122 -8.99 -27.31 -0.53
C LEU D 122 -9.49 -28.70 -0.85
N THR D 123 -8.88 -29.36 -1.83
CA THR D 123 -9.38 -30.65 -2.30
C THR D 123 -8.52 -31.83 -1.88
N THR D 124 -7.49 -31.63 -1.07
CA THR D 124 -6.61 -32.75 -0.72
C THR D 124 -6.39 -32.88 0.78
N ALA D 125 -6.45 -31.78 1.51
CA ALA D 125 -6.14 -31.80 2.94
C ALA D 125 -7.13 -32.69 3.70
N ALA D 126 -6.62 -33.34 4.74
CA ALA D 126 -7.42 -34.25 5.56
C ALA D 126 -7.66 -33.70 6.96
N LYS D 127 -7.33 -32.44 7.22
CA LYS D 127 -7.55 -31.83 8.52
C LYS D 127 -7.81 -30.34 8.30
N LEU D 128 -8.74 -29.79 9.09
CA LEU D 128 -9.17 -28.41 8.93
C LEU D 128 -9.06 -27.70 10.27
N MET D 129 -8.57 -26.46 10.22
CA MET D 129 -8.44 -25.61 11.40
C MET D 129 -9.29 -24.37 11.22
N VAL D 130 -10.12 -24.06 12.21
CA VAL D 130 -11.05 -22.93 12.15
C VAL D 130 -10.77 -22.02 13.34
N VAL D 131 -10.69 -20.73 13.09
CA VAL D 131 -10.52 -19.74 14.14
C VAL D 131 -11.77 -18.88 14.21
N ILE D 132 -12.38 -18.80 15.39
CA ILE D 132 -13.70 -18.21 15.58
C ILE D 132 -13.58 -17.09 16.62
N PRO D 133 -13.84 -15.84 16.24
CA PRO D 133 -13.65 -14.75 17.22
C PRO D 133 -14.74 -14.69 18.30
N ASP D 134 -16.01 -14.85 17.94
CA ASP D 134 -17.10 -14.66 18.89
C ASP D 134 -18.17 -15.71 18.66
N TYR D 135 -19.27 -15.61 19.43
CA TYR D 135 -20.28 -16.67 19.42
C TYR D 135 -21.14 -16.63 18.18
N ASN D 136 -21.45 -15.43 17.66
CA ASN D 136 -22.28 -15.34 16.46
C ASN D 136 -21.63 -16.08 15.30
N THR D 137 -20.33 -15.87 15.11
CA THR D 137 -19.60 -16.56 14.05
C THR D 137 -19.59 -18.06 14.29
N TYR D 138 -19.45 -18.48 15.55
CA TYR D 138 -19.47 -19.91 15.84
C TYR D 138 -20.80 -20.53 15.43
N LYS D 139 -21.91 -19.96 15.91
CA LYS D 139 -23.20 -20.56 15.64
C LYS D 139 -23.59 -20.44 14.18
N ASN D 140 -22.98 -19.51 13.45
CA ASN D 140 -23.19 -19.44 12.02
C ASN D 140 -22.19 -20.29 11.24
N THR D 141 -21.20 -20.90 11.91
CA THR D 141 -20.17 -21.67 11.23
C THR D 141 -20.10 -23.13 11.66
N CYS D 142 -20.12 -23.41 12.97
CA CYS D 142 -19.76 -24.73 13.49
C CYS D 142 -20.84 -25.27 14.43
N ASP D 143 -22.09 -25.24 14.00
CA ASP D 143 -23.21 -25.65 14.84
C ASP D 143 -23.28 -27.17 14.90
N GLY D 144 -22.82 -27.74 16.02
CA GLY D 144 -22.94 -29.17 16.23
C GLY D 144 -21.63 -29.92 16.24
N THR D 145 -21.63 -31.15 15.71
CA THR D 145 -20.43 -31.96 15.63
C THR D 145 -20.00 -32.31 14.21
N THR D 146 -20.82 -32.02 13.20
CA THR D 146 -20.42 -32.12 11.80
C THR D 146 -20.96 -30.90 11.05
N PHE D 147 -20.12 -30.30 10.22
CA PHE D 147 -20.55 -29.15 9.42
C PHE D 147 -20.02 -29.28 8.00
N THR D 148 -20.71 -28.62 7.07
CA THR D 148 -20.37 -28.66 5.66
C THR D 148 -19.60 -27.39 5.29
N TYR D 149 -18.39 -27.56 4.78
CA TYR D 149 -17.58 -26.43 4.33
C TYR D 149 -16.84 -26.80 3.06
N ALA D 150 -16.86 -25.90 2.08
CA ALA D 150 -16.14 -26.06 0.81
C ALA D 150 -16.51 -27.37 0.11
N SER D 151 -17.81 -27.67 0.08
CA SER D 151 -18.34 -28.86 -0.59
C SER D 151 -17.75 -30.13 0.00
N ALA D 152 -17.63 -30.18 1.32
CA ALA D 152 -17.19 -31.37 2.01
C ALA D 152 -17.76 -31.37 3.41
N LEU D 153 -17.81 -32.55 4.01
CA LEU D 153 -18.38 -32.73 5.35
C LEU D 153 -17.26 -32.97 6.35
N TRP D 154 -17.26 -32.18 7.42
CA TRP D 154 -16.19 -32.20 8.41
C TRP D 154 -16.76 -32.61 9.76
N GLU D 155 -16.15 -33.61 10.37
CA GLU D 155 -16.50 -34.06 11.71
C GLU D 155 -15.59 -33.37 12.71
N ILE D 156 -16.18 -32.64 13.66
CA ILE D 156 -15.38 -31.90 14.63
C ILE D 156 -14.63 -32.87 15.52
N GLN D 157 -13.32 -32.69 15.63
CA GLN D 157 -12.47 -33.55 16.45
C GLN D 157 -12.08 -32.91 17.78
N GLN D 158 -11.84 -31.61 17.81
CA GLN D 158 -11.35 -30.97 19.02
C GLN D 158 -11.68 -29.49 18.99
N VAL D 159 -11.82 -28.90 20.19
CA VAL D 159 -11.99 -27.46 20.34
C VAL D 159 -11.06 -26.99 21.45
N VAL D 160 -10.31 -25.93 21.18
CA VAL D 160 -9.32 -25.39 22.10
C VAL D 160 -9.54 -23.90 22.22
N ASP D 161 -9.16 -23.33 23.37
CA ASP D 161 -9.32 -21.91 23.59
C ASP D 161 -8.04 -21.15 23.24
N ALA D 162 -8.13 -19.82 23.31
CA ALA D 162 -6.98 -18.97 23.00
C ALA D 162 -5.83 -19.18 23.97
N ASP D 163 -6.08 -19.72 25.15
CA ASP D 163 -5.04 -20.07 26.09
C ASP D 163 -4.49 -21.47 25.85
N SER D 164 -4.97 -22.15 24.82
CA SER D 164 -4.59 -23.53 24.49
C SER D 164 -4.95 -24.48 25.63
N LYS D 165 -6.26 -24.54 25.93
CA LYS D 165 -6.83 -25.51 26.84
C LYS D 165 -8.12 -26.05 26.23
N ILE D 166 -8.35 -27.35 26.39
CA ILE D 166 -9.49 -28.00 25.74
C ILE D 166 -10.79 -27.44 26.28
N VAL D 167 -11.73 -27.16 25.37
CA VAL D 167 -13.06 -26.69 25.73
C VAL D 167 -14.06 -27.73 25.27
N GLN D 168 -14.87 -28.22 26.20
CA GLN D 168 -15.90 -29.20 25.87
C GLN D 168 -16.98 -28.57 25.01
N LEU D 169 -17.53 -29.38 24.09
CA LEU D 169 -18.49 -28.85 23.12
C LEU D 169 -19.73 -28.32 23.80
N SER D 170 -20.22 -29.00 24.84
CA SER D 170 -21.44 -28.61 25.51
C SER D 170 -21.29 -27.31 26.31
N GLU D 171 -20.07 -26.82 26.51
CA GLU D 171 -19.85 -25.58 27.23
C GLU D 171 -20.08 -24.34 26.37
N ILE D 172 -20.10 -24.49 25.05
CA ILE D 172 -20.15 -23.32 24.17
C ILE D 172 -21.63 -22.95 24.03
N SER D 173 -22.10 -22.20 25.03
CA SER D 173 -23.46 -21.68 25.04
C SER D 173 -23.40 -20.19 25.33
N MET D 174 -24.58 -19.59 25.52
CA MET D 174 -24.60 -18.13 25.76
C MET D 174 -24.10 -17.83 27.18
N ASP D 175 -24.54 -18.60 28.16
CA ASP D 175 -24.20 -18.30 29.55
C ASP D 175 -22.71 -18.49 29.84
N ASN D 176 -22.10 -19.50 29.23
CA ASN D 176 -20.68 -19.76 29.45
C ASN D 176 -19.77 -19.02 28.48
N SER D 177 -20.32 -18.19 27.60
CA SER D 177 -19.48 -17.42 26.68
C SER D 177 -18.47 -16.52 27.39
N PRO D 178 -18.83 -15.75 28.43
CA PRO D 178 -17.81 -14.91 29.09
C PRO D 178 -16.66 -15.69 29.71
N ASN D 179 -16.92 -16.88 30.25
CA ASN D 179 -15.85 -17.63 30.91
C ASN D 179 -14.81 -18.13 29.91
N LEU D 180 -15.22 -18.44 28.68
CA LEU D 180 -14.29 -18.93 27.68
C LEU D 180 -13.34 -17.83 27.22
N ALA D 181 -12.14 -18.23 26.81
CA ALA D 181 -11.13 -17.31 26.31
C ALA D 181 -11.14 -17.36 24.78
N TRP D 182 -11.71 -16.33 24.17
CA TRP D 182 -11.77 -16.22 22.73
C TRP D 182 -10.43 -15.75 22.17
N PRO D 183 -10.14 -16.01 20.88
CA PRO D 183 -10.93 -16.78 19.91
C PRO D 183 -10.76 -18.28 20.07
N LEU D 184 -11.69 -19.06 19.52
CA LEU D 184 -11.68 -20.51 19.67
C LEU D 184 -11.09 -21.16 18.42
N ILE D 185 -10.34 -22.23 18.62
CA ILE D 185 -9.68 -22.97 17.53
C ILE D 185 -10.29 -24.35 17.45
N VAL D 186 -10.91 -24.66 16.31
CA VAL D 186 -11.60 -25.92 16.06
C VAL D 186 -10.73 -26.76 15.14
N THR D 187 -10.54 -28.03 15.49
CA THR D 187 -9.82 -28.99 14.69
C THR D 187 -10.81 -30.05 14.20
N ALA D 188 -10.94 -30.18 12.89
CA ALA D 188 -11.89 -31.10 12.28
C ALA D 188 -11.17 -32.02 11.31
N LEU D 189 -11.77 -33.18 11.08
CA LEU D 189 -11.24 -34.16 10.14
C LEU D 189 -12.22 -34.37 9.01
N ARG D 190 -11.69 -34.64 7.82
CA ARG D 190 -12.54 -34.87 6.66
C ARG D 190 -13.28 -36.18 6.79
N ALA D 191 -14.52 -36.20 6.31
CA ALA D 191 -15.35 -37.39 6.38
C ALA D 191 -16.38 -37.41 5.25
N LYS E 2 1.07 15.47 38.37
CA LYS E 2 0.42 14.30 38.93
C LYS E 2 0.12 13.28 37.84
N MET E 3 -0.29 13.79 36.68
CA MET E 3 -0.62 12.90 35.56
C MET E 3 0.58 12.06 35.18
N SER E 4 1.74 12.70 35.04
CA SER E 4 2.95 11.99 34.62
C SER E 4 3.36 10.94 35.65
N ASP E 5 3.20 11.24 36.94
CA ASP E 5 3.46 10.23 37.95
C ASP E 5 2.54 9.02 37.78
N VAL E 6 1.27 9.28 37.47
CA VAL E 6 0.31 8.18 37.28
C VAL E 6 0.70 7.33 36.10
N LYS E 7 1.09 7.96 34.97
CA LYS E 7 1.48 7.19 33.79
C LYS E 7 2.75 6.38 34.04
N CYS E 8 3.75 6.98 34.69
CA CYS E 8 4.98 6.26 34.97
C CYS E 8 4.74 5.10 35.92
N THR E 9 3.88 5.30 36.93
CA THR E 9 3.57 4.21 37.86
C THR E 9 2.79 3.11 37.16
N SER E 10 1.91 3.47 36.21
CA SER E 10 1.22 2.45 35.44
C SER E 10 2.20 1.61 34.63
N VAL E 11 3.21 2.27 34.03
CA VAL E 11 4.24 1.53 33.29
C VAL E 11 4.97 0.57 34.22
N VAL E 12 5.39 1.06 35.39
CA VAL E 12 6.12 0.22 36.33
C VAL E 12 5.27 -0.97 36.75
N LEU E 13 3.99 -0.73 37.05
CA LEU E 13 3.13 -1.80 37.53
C LEU E 13 2.86 -2.84 36.45
N LEU E 14 2.67 -2.40 35.21
CA LEU E 14 2.49 -3.35 34.12
C LEU E 14 3.74 -4.20 33.90
N SER E 15 4.91 -3.57 33.99
CA SER E 15 6.15 -4.34 33.89
C SER E 15 6.24 -5.38 35.00
N VAL E 16 5.86 -5.00 36.22
CA VAL E 16 5.90 -5.95 37.33
C VAL E 16 4.93 -7.10 37.08
N LEU E 17 3.72 -6.80 36.64
CA LEU E 17 2.75 -7.85 36.35
C LEU E 17 3.28 -8.82 35.29
N GLN E 18 3.90 -8.29 34.23
CA GLN E 18 4.52 -9.17 33.25
C GLN E 18 5.60 -10.03 33.90
N GLN E 19 6.38 -9.46 34.80
CA GLN E 19 7.34 -10.26 35.56
C GLN E 19 6.65 -11.35 36.36
N LEU E 20 5.38 -11.14 36.71
CA LEU E 20 4.61 -12.10 37.47
C LEU E 20 3.92 -13.15 36.59
N ARG E 21 4.33 -13.28 35.33
CA ARG E 21 3.84 -14.31 34.41
C ARG E 21 2.34 -14.17 34.11
N VAL E 22 1.80 -12.95 34.22
CA VAL E 22 0.40 -12.71 33.88
C VAL E 22 0.19 -12.74 32.37
N GLU E 23 1.23 -12.52 31.58
CA GLU E 23 1.09 -12.53 30.12
C GLU E 23 0.66 -13.89 29.59
N SER E 24 0.77 -14.94 30.40
CA SER E 24 0.37 -16.28 30.00
C SER E 24 -1.08 -16.59 30.36
N SER E 25 -1.82 -15.62 30.87
CA SER E 25 -3.27 -15.71 31.00
C SER E 25 -3.87 -14.66 30.06
N SER E 26 -4.70 -15.11 29.11
CA SER E 26 -5.11 -14.24 28.03
C SER E 26 -6.03 -13.13 28.51
N LYS E 27 -7.06 -13.47 29.27
CA LYS E 27 -8.04 -12.45 29.68
C LYS E 27 -7.43 -11.45 30.66
N LEU E 28 -6.70 -11.94 31.66
CA LEU E 28 -6.00 -11.02 32.60
C LEU E 28 -5.15 -10.05 31.80
N TRP E 29 -4.24 -10.58 30.97
CA TRP E 29 -3.29 -9.72 30.28
C TRP E 29 -4.00 -8.75 29.34
N ALA E 30 -5.06 -9.19 28.67
CA ALA E 30 -5.81 -8.29 27.80
C ALA E 30 -6.45 -7.16 28.59
N GLN E 31 -7.07 -7.47 29.73
CA GLN E 31 -7.65 -6.43 30.57
C GLN E 31 -6.59 -5.47 31.07
N CYS E 32 -5.43 -6.00 31.47
CA CYS E 32 -4.33 -5.14 31.91
C CYS E 32 -3.86 -4.23 30.79
N VAL E 33 -3.77 -4.76 29.57
CA VAL E 33 -3.29 -3.97 28.44
C VAL E 33 -4.26 -2.83 28.15
N GLN E 34 -5.56 -3.12 28.15
CA GLN E 34 -6.54 -2.06 27.90
C GLN E 34 -6.48 -1.00 29.00
N LEU E 35 -6.38 -1.44 30.26
CA LEU E 35 -6.33 -0.50 31.38
C LEU E 35 -5.10 0.41 31.26
N HIS E 36 -3.95 -0.18 30.96
CA HIS E 36 -2.70 0.57 30.85
C HIS E 36 -2.75 1.56 29.69
N ASN E 37 -3.26 1.14 28.53
CA ASN E 37 -3.35 2.04 27.38
C ASN E 37 -4.31 3.18 27.65
N ASP E 38 -5.45 2.89 28.28
CA ASP E 38 -6.40 3.95 28.60
C ASP E 38 -5.81 4.93 29.62
N ILE E 39 -5.02 4.42 30.56
CA ILE E 39 -4.30 5.32 31.47
C ILE E 39 -3.37 6.23 30.69
N LEU E 40 -2.63 5.64 29.74
CA LEU E 40 -1.63 6.42 29.01
C LEU E 40 -2.27 7.51 28.16
N LEU E 41 -3.40 7.22 27.54
CA LEU E 41 -4.10 8.22 26.73
C LEU E 41 -5.06 9.10 27.52
N ALA E 42 -5.26 8.84 28.81
CA ALA E 42 -6.19 9.62 29.60
C ALA E 42 -5.63 11.01 29.86
N LYS E 43 -6.52 11.91 30.29
CA LYS E 43 -6.16 13.29 30.59
C LYS E 43 -6.48 13.71 32.02
N ASP E 44 -7.63 13.30 32.55
CA ASP E 44 -7.98 13.62 33.93
C ASP E 44 -7.36 12.61 34.88
N THR E 45 -6.89 13.09 36.03
CA THR E 45 -6.15 12.25 36.95
C THR E 45 -7.05 11.40 37.84
N THR E 46 -8.36 11.69 37.91
CA THR E 46 -9.24 10.94 38.80
C THR E 46 -9.45 9.51 38.32
N GLU E 47 -9.98 9.36 37.11
CA GLU E 47 -10.20 8.02 36.59
C GLU E 47 -8.88 7.31 36.33
N ALA E 48 -7.82 8.06 36.02
CA ALA E 48 -6.50 7.44 35.92
C ALA E 48 -6.05 6.87 37.26
N PHE E 49 -6.33 7.58 38.36
CA PHE E 49 -6.04 7.04 39.68
C PHE E 49 -6.86 5.79 39.94
N GLU E 50 -8.13 5.80 39.58
CA GLU E 50 -8.96 4.61 39.79
C GLU E 50 -8.46 3.42 38.98
N LYS E 51 -8.03 3.66 37.75
CA LYS E 51 -7.45 2.61 36.92
C LYS E 51 -6.15 2.08 37.52
N MET E 52 -5.31 2.98 38.05
CA MET E 52 -4.11 2.57 38.75
C MET E 52 -4.44 1.69 39.95
N VAL E 53 -5.50 2.05 40.68
CA VAL E 53 -5.95 1.25 41.83
C VAL E 53 -6.38 -0.14 41.37
N SER E 54 -7.12 -0.20 40.26
CA SER E 54 -7.57 -1.49 39.74
C SER E 54 -6.38 -2.36 39.32
N LEU E 55 -5.39 -1.76 38.65
CA LEU E 55 -4.21 -2.53 38.26
C LEU E 55 -3.41 -2.98 39.47
N LEU E 56 -3.34 -2.15 40.51
CA LEU E 56 -2.65 -2.56 41.73
C LEU E 56 -3.38 -3.71 42.41
N SER E 57 -4.71 -3.69 42.40
CA SER E 57 -5.48 -4.81 42.94
C SER E 57 -5.25 -6.07 42.12
N VAL E 58 -5.12 -5.92 40.80
CA VAL E 58 -4.77 -7.06 39.95
C VAL E 58 -3.42 -7.63 40.34
N LEU E 59 -2.43 -6.75 40.57
CA LEU E 59 -1.10 -7.20 40.96
C LEU E 59 -1.14 -7.94 42.29
N LEU E 60 -1.82 -7.37 43.27
CA LEU E 60 -1.92 -7.99 44.59
C LEU E 60 -2.70 -9.30 44.56
N SER E 61 -3.62 -9.46 43.61
CA SER E 61 -4.38 -10.70 43.48
C SER E 61 -3.51 -11.82 42.92
ZN ZN F . -0.06 -5.32 -24.57
ZN ZN G . 19.67 -4.84 -16.82
#